data_6C95
#
_entry.id   6C95
#
_cell.length_a   182.320
_cell.length_b   182.320
_cell.length_c   86.070
_cell.angle_alpha   90.00
_cell.angle_beta   90.00
_cell.angle_gamma   120.00
#
_symmetry.space_group_name_H-M   'P 63'
#
loop_
_entity.id
_entity.type
_entity.pdbx_description
1 polymer 'N-alpha-acetyltransferase 15, NatA auxiliary subunit'
2 polymer 'N-alpha-acetyltransferase 10'
3 polymer 'Huntingtin-interacting protein K'
4 non-polymer 'INOSITOL HEXAKISPHOSPHATE'
5 water water
#
loop_
_entity_poly.entity_id
_entity_poly.type
_entity_poly.pdbx_seq_one_letter_code
_entity_poly.pdbx_strand_id
1 'polypeptide(L)'
;MPAVSLPPKENALFKRILRCYEHKQYRNGLKFCKQILSNPKFAEHGETLAMKGLTLNCLGKKEEAYELVRRGLRNDLKSH
VCWHVYGLLQRSDKKYDEAIKCYRNALKWDKDNLQILRDLSLLQIQMRDLEGYRETRYQLLQLRPAQRASWIGYAIAYHL
LEDYEMAAKILEEFRKTQQTSPDKVDYEYSELLLYQNQVLREAGLYREALEHLCTYEKQICDKLAVEETKGELLLQLCRL
EDAADVYRGLQERNPENWAYYKGLEKALKPANMLERLKIYEEAWTKYPRGLVPRRLPLNFLSGEKFKECLDKFLRMNFSK
GCPPVFNTLRSLYKDKEKVAIIEELVVGYETSLKSCRLFNPNDDGKEEPPTTLLWVQYYLAQHYDKIGQPSIALEYINTA
IESTPTLIELFLVKAKIYKHAGNIKEAARWMDEAQALDTADRFINSKCAKYMLKANLIKEAEEMCSKFTREGTSAVENLN
EMQCMWFQTECAQAYKAMNKFGEALKKCHEIERHFIEITDDQFDFHTYCMRKITLRSYVDLLKLEDVLRQHPFYFKAARI
AIEIYLKLHDNPLTDENKEHEADTANMSDKELKKLRNKQRRAQKKAQIEEEKKNAEKEKQQRNQKKKKDDDDEEIGGPKE
ELIPEKLAKVETPLEEAIKFLTPLKNLVKNKIETHLFAFEIYFRKEKFLLMLQSVKRAFAIDSSHPWLHECMIRLFNTAV
CESKDLSDTVRTVLKQEMNRLFGATNPKNFNETFLKRNSDSLPHRLSAAKMVYYLDPSSQKRAIELATTLDESLTNRNLQ
TCMEVLEALYDGSLGDCKEAAEIYRANCHKLFPYALAFMPPGYEEDMKITVNGDSSAEAEELANEI
;
A
2 'polypeptide(L)'
;(ACE)MNIRNARPEDLMNMQHCNLLCLPENYQMKYYFYHGLSWPQLSYIAEDENGKIVGYVLAKMEEDPDDVPHGHITSL
AVKRSHRRLGLAQKLMDQASRAMIENFNAKYVSLHVRKSNRAALHLYSNTLNFQISEVEPKYYADGEDAYAMKRDLTQMA
DELRRHLELKEKGRHVVLGAIENKVESKGNSPPSSGEACREEKGLAAEDSGGDSKDLSEVSETTESTDVKDSSEASDSAS
;
B
3 'polypeptide(L)'
;MRRRGEIDMATEGDVELELETETSGPERPPEKPRKHDSGAADLERVTDYAEEKEIQSSNLETAMSVIGDRRSREQKAKQE
REKELAKVTIKKEDLELIMTEMEISRAAAERSLREHMGNVVEALIALTN
;
D
#
# COMPACT_ATOMS: atom_id res chain seq x y z
N SER A 5 -14.43 46.75 22.54
CA SER A 5 -14.81 45.50 21.88
C SER A 5 -16.00 45.70 20.95
N LEU A 6 -17.11 45.03 21.26
CA LEU A 6 -18.32 45.08 20.45
C LEU A 6 -19.54 45.23 21.34
N PRO A 7 -20.60 45.85 20.85
CA PRO A 7 -21.82 46.01 21.65
C PRO A 7 -22.48 44.67 21.90
N PRO A 8 -23.02 44.46 23.10
CA PRO A 8 -23.60 43.14 23.44
C PRO A 8 -24.69 42.68 22.48
N LYS A 9 -25.30 43.57 21.71
CA LYS A 9 -26.25 43.15 20.68
C LYS A 9 -25.55 42.78 19.38
N GLU A 10 -24.53 43.54 18.98
CA GLU A 10 -23.75 43.23 17.78
C GLU A 10 -22.64 42.22 18.06
N ASN A 11 -22.24 42.06 19.33
CA ASN A 11 -21.20 41.10 19.67
C ASN A 11 -21.75 39.68 19.73
N ALA A 12 -22.85 39.49 20.47
CA ALA A 12 -23.46 38.16 20.60
C ALA A 12 -23.85 37.57 19.25
N LEU A 13 -23.88 38.37 18.18
CA LEU A 13 -24.02 37.83 16.83
C LEU A 13 -22.72 37.20 16.35
N PHE A 14 -21.58 37.73 16.78
CA PHE A 14 -20.30 37.11 16.45
C PHE A 14 -20.19 35.71 17.06
N LYS A 15 -20.69 35.54 18.29
CA LYS A 15 -20.77 34.22 18.90
C LYS A 15 -21.63 33.26 18.08
N ARG A 16 -22.49 33.79 17.20
CA ARG A 16 -23.29 32.95 16.32
C ARG A 16 -22.51 32.51 15.08
N ILE A 17 -21.67 33.41 14.54
CA ILE A 17 -20.83 33.07 13.39
C ILE A 17 -19.98 31.85 13.68
N LEU A 18 -19.50 31.73 14.93
CA LEU A 18 -18.61 30.63 15.28
C LEU A 18 -19.36 29.30 15.37
N ARG A 19 -20.52 29.30 16.05
CA ARG A 19 -21.33 28.09 16.11
C ARG A 19 -21.75 27.65 14.71
N CYS A 20 -22.21 28.60 13.90
CA CYS A 20 -22.52 28.29 12.50
C CYS A 20 -21.32 27.76 11.76
N TYR A 21 -20.11 28.22 12.12
CA TYR A 21 -18.91 27.65 11.54
C TYR A 21 -18.56 26.31 12.16
N GLU A 22 -18.65 26.20 13.48
CA GLU A 22 -18.35 24.93 14.15
C GLU A 22 -19.29 23.82 13.70
N HIS A 23 -20.53 24.15 13.38
CA HIS A 23 -21.52 23.17 12.93
C HIS A 23 -21.68 23.16 11.42
N LYS A 24 -20.87 23.93 10.69
CA LYS A 24 -20.93 24.01 9.23
C LYS A 24 -22.26 24.57 8.73
N GLN A 25 -22.87 25.48 9.49
CA GLN A 25 -24.03 26.23 9.00
C GLN A 25 -23.54 27.50 8.29
N TYR A 26 -22.84 27.26 7.19
CA TYR A 26 -22.04 28.30 6.53
C TYR A 26 -22.90 29.44 6.04
N ARG A 27 -23.89 29.13 5.17
CA ARG A 27 -24.75 30.18 4.64
C ARG A 27 -25.45 30.93 5.77
N ASN A 28 -25.75 30.26 6.87
CA ASN A 28 -26.21 30.96 8.07
C ASN A 28 -25.10 31.84 8.64
N GLY A 29 -23.86 31.33 8.61
CA GLY A 29 -22.73 32.10 9.11
C GLY A 29 -22.51 33.41 8.38
N LEU A 30 -22.80 33.43 7.08
CA LEU A 30 -22.76 34.69 6.35
C LEU A 30 -23.86 35.64 6.79
N LYS A 31 -25.03 35.11 7.18
CA LYS A 31 -26.16 35.95 7.56
C LYS A 31 -25.80 36.84 8.73
N PHE A 32 -25.22 36.27 9.79
CA PHE A 32 -24.83 37.12 10.92
C PHE A 32 -23.59 37.94 10.63
N CYS A 33 -22.85 37.65 9.56
CA CYS A 33 -21.79 38.55 9.13
C CYS A 33 -22.36 39.82 8.52
N LYS A 34 -23.37 39.66 7.65
CA LYS A 34 -24.03 40.82 7.06
C LYS A 34 -24.71 41.68 8.11
N GLN A 35 -25.26 41.07 9.16
CA GLN A 35 -25.90 41.82 10.23
C GLN A 35 -24.93 42.70 11.01
N ILE A 36 -23.64 42.37 11.01
CA ILE A 36 -22.64 43.16 11.72
C ILE A 36 -21.94 44.15 10.79
N LEU A 37 -21.66 43.75 9.54
CA LEU A 37 -20.97 44.66 8.63
C LEU A 37 -21.90 45.76 8.13
N SER A 38 -23.17 45.43 7.84
CA SER A 38 -24.11 46.44 7.36
C SER A 38 -24.32 47.57 8.36
N ASN A 39 -23.88 47.41 9.59
CA ASN A 39 -23.72 48.53 10.50
C ASN A 39 -22.45 49.29 10.13
N PRO A 40 -22.55 50.56 9.71
CA PRO A 40 -21.33 51.25 9.22
C PRO A 40 -20.26 51.45 10.28
N LYS A 41 -20.65 51.50 11.56
CA LYS A 41 -19.67 51.68 12.63
C LYS A 41 -18.70 50.50 12.71
N PHE A 42 -19.13 49.31 12.31
CA PHE A 42 -18.30 48.11 12.33
C PHE A 42 -18.15 47.50 10.94
N ALA A 43 -18.38 48.29 9.88
CA ALA A 43 -18.38 47.76 8.51
C ALA A 43 -17.02 47.20 8.10
N GLU A 44 -15.95 47.58 8.79
CA GLU A 44 -14.62 46.98 8.59
C GLU A 44 -14.05 46.66 9.97
N HIS A 45 -14.44 45.50 10.50
CA HIS A 45 -13.97 44.99 11.78
C HIS A 45 -13.04 43.81 11.54
N GLY A 46 -11.93 43.76 12.27
CA GLY A 46 -10.95 42.71 12.11
C GLY A 46 -11.49 41.31 12.21
N GLU A 47 -11.98 40.93 13.40
CA GLU A 47 -12.44 39.56 13.61
C GLU A 47 -13.61 39.21 12.70
N THR A 48 -14.51 40.17 12.45
CA THR A 48 -15.66 39.90 11.60
C THR A 48 -15.26 39.72 10.14
N LEU A 49 -14.39 40.60 9.62
CA LEU A 49 -13.84 40.39 8.29
C LEU A 49 -13.04 39.10 8.23
N ALA A 50 -12.41 38.71 9.34
CA ALA A 50 -11.60 37.50 9.36
C ALA A 50 -12.47 36.25 9.26
N MET A 51 -13.42 36.08 10.18
CA MET A 51 -14.24 34.87 10.21
C MET A 51 -15.16 34.77 9.00
N LYS A 52 -15.58 35.91 8.44
CA LYS A 52 -16.36 35.88 7.20
C LYS A 52 -15.53 35.39 6.03
N GLY A 53 -14.24 35.74 6.00
CA GLY A 53 -13.35 35.18 4.99
C GLY A 53 -13.22 33.67 5.11
N LEU A 54 -13.08 33.15 6.34
CA LEU A 54 -12.97 31.72 6.57
C LEU A 54 -14.28 31.01 6.21
N THR A 55 -15.42 31.54 6.65
CA THR A 55 -16.71 30.97 6.30
C THR A 55 -16.90 30.91 4.79
N LEU A 56 -16.24 31.81 4.05
CA LEU A 56 -16.24 31.74 2.59
C LEU A 56 -15.18 30.78 2.05
N ASN A 57 -14.13 30.50 2.81
CA ASN A 57 -13.15 29.50 2.36
C ASN A 57 -13.71 28.09 2.48
N CYS A 58 -14.59 27.82 3.44
CA CYS A 58 -15.30 26.55 3.47
C CYS A 58 -16.29 26.42 2.33
N LEU A 59 -16.55 27.51 1.61
CA LEU A 59 -17.19 27.49 0.31
C LEU A 59 -16.11 27.65 -0.76
N GLY A 60 -16.53 27.68 -2.03
CA GLY A 60 -15.56 27.76 -3.11
C GLY A 60 -14.73 29.03 -3.12
N LYS A 61 -15.24 30.12 -2.53
CA LYS A 61 -14.65 31.45 -2.67
C LYS A 61 -13.41 31.58 -1.79
N LYS A 62 -12.29 31.06 -2.30
CA LYS A 62 -11.00 31.17 -1.62
C LYS A 62 -10.29 32.48 -1.93
N GLU A 63 -10.33 32.92 -3.19
CA GLU A 63 -9.63 34.15 -3.56
C GLU A 63 -10.19 35.34 -2.82
N GLU A 64 -11.51 35.40 -2.63
CA GLU A 64 -12.11 36.41 -1.78
C GLU A 64 -11.79 36.17 -0.31
N ALA A 65 -11.64 34.89 0.08
CA ALA A 65 -11.37 34.56 1.47
C ALA A 65 -10.06 35.17 1.93
N TYR A 66 -8.99 34.99 1.15
CA TYR A 66 -7.69 35.57 1.53
C TYR A 66 -7.74 37.09 1.59
N GLU A 67 -8.57 37.72 0.77
CA GLU A 67 -8.70 39.17 0.84
C GLU A 67 -9.32 39.61 2.16
N LEU A 68 -10.52 39.09 2.47
CA LEU A 68 -11.25 39.55 3.66
C LEU A 68 -10.53 39.21 4.95
N VAL A 69 -9.80 38.09 4.98
CA VAL A 69 -9.04 37.74 6.18
C VAL A 69 -7.80 38.62 6.30
N ARG A 70 -7.02 38.75 5.22
CA ARG A 70 -5.84 39.62 5.24
C ARG A 70 -6.24 41.06 5.54
N ARG A 71 -7.30 41.56 4.89
CA ARG A 71 -7.85 42.86 5.26
C ARG A 71 -8.23 42.90 6.73
N GLY A 72 -8.89 41.84 7.23
CA GLY A 72 -9.25 41.80 8.64
C GLY A 72 -8.04 41.73 9.55
N LEU A 73 -7.00 40.98 9.15
CA LEU A 73 -5.76 40.95 9.91
C LEU A 73 -5.03 42.29 9.87
N ARG A 74 -5.05 42.96 8.71
CA ARG A 74 -4.48 44.30 8.63
C ARG A 74 -5.18 45.24 9.62
N ASN A 75 -6.50 45.14 9.74
CA ASN A 75 -7.26 46.00 10.65
C ASN A 75 -6.85 45.76 12.10
N ASP A 76 -6.67 44.49 12.48
CA ASP A 76 -6.30 44.13 13.85
C ASP A 76 -5.34 42.95 13.79
N LEU A 77 -4.04 43.23 13.87
CA LEU A 77 -3.04 42.19 13.83
C LEU A 77 -2.55 41.75 15.21
N LYS A 78 -3.04 42.40 16.28
CA LYS A 78 -2.79 41.96 17.64
C LYS A 78 -3.87 41.01 18.17
N SER A 79 -4.77 40.53 17.32
CA SER A 79 -5.86 39.66 17.74
C SER A 79 -5.48 38.21 17.50
N HIS A 80 -5.69 37.38 18.51
CA HIS A 80 -5.41 35.95 18.36
C HIS A 80 -6.36 35.31 17.37
N VAL A 81 -7.63 35.71 17.38
CA VAL A 81 -8.61 35.15 16.45
C VAL A 81 -8.20 35.46 15.01
N CYS A 82 -7.75 36.68 14.75
CA CYS A 82 -7.41 37.07 13.38
C CYS A 82 -6.19 36.31 12.87
N TRP A 83 -5.19 36.09 13.73
CA TRP A 83 -4.06 35.25 13.34
C TRP A 83 -4.49 33.79 13.21
N HIS A 84 -5.31 33.32 14.16
CA HIS A 84 -5.80 31.94 14.16
C HIS A 84 -6.45 31.57 12.83
N VAL A 85 -7.42 32.38 12.39
CA VAL A 85 -8.14 32.07 11.16
C VAL A 85 -7.25 32.20 9.93
N TYR A 86 -6.14 32.93 10.02
CA TYR A 86 -5.21 32.98 8.90
C TYR A 86 -4.48 31.65 8.75
N GLY A 87 -3.99 31.09 9.85
CA GLY A 87 -3.39 29.77 9.81
C GLY A 87 -4.38 28.70 9.37
N LEU A 88 -5.58 28.72 9.94
CA LEU A 88 -6.64 27.79 9.53
C LEU A 88 -6.89 27.91 8.03
N LEU A 89 -6.99 29.15 7.54
CA LEU A 89 -7.18 29.39 6.11
C LEU A 89 -5.99 28.86 5.31
N GLN A 90 -4.77 29.21 5.72
CA GLN A 90 -3.58 28.76 5.00
C GLN A 90 -3.41 27.25 5.08
N ARG A 91 -3.85 26.63 6.19
CA ARG A 91 -3.76 25.19 6.33
C ARG A 91 -4.53 24.48 5.21
N SER A 92 -5.67 25.04 4.80
CA SER A 92 -6.47 24.41 3.75
C SER A 92 -5.73 24.39 2.41
N ASP A 93 -4.80 25.31 2.19
CA ASP A 93 -3.92 25.30 1.02
C ASP A 93 -2.55 24.69 1.33
N LYS A 94 -2.42 24.01 2.46
CA LYS A 94 -1.25 23.21 2.80
C LYS A 94 0.03 24.05 2.85
N LYS A 95 -0.09 25.30 3.26
CA LYS A 95 1.06 26.09 3.65
C LYS A 95 1.24 25.94 5.16
N TYR A 96 1.84 24.81 5.54
CA TYR A 96 1.98 24.47 6.95
C TYR A 96 3.04 25.32 7.63
N ASP A 97 4.16 25.57 6.93
CA ASP A 97 5.21 26.41 7.50
C ASP A 97 4.65 27.75 7.95
N GLU A 98 3.73 28.32 7.17
CA GLU A 98 3.18 29.64 7.47
C GLU A 98 2.03 29.54 8.48
N ALA A 99 1.11 28.59 8.27
CA ALA A 99 0.00 28.41 9.19
C ALA A 99 0.48 28.15 10.62
N ILE A 100 1.56 27.38 10.77
CA ILE A 100 2.08 27.11 12.10
C ILE A 100 2.68 28.37 12.72
N LYS A 101 3.14 29.31 11.88
CA LYS A 101 3.61 30.60 12.40
C LYS A 101 2.46 31.40 12.98
N CYS A 102 1.36 31.52 12.22
CA CYS A 102 0.19 32.24 12.69
C CYS A 102 -0.34 31.66 13.99
N TYR A 103 -0.35 30.33 14.09
CA TYR A 103 -0.79 29.66 15.31
C TYR A 103 0.00 30.14 16.51
N ARG A 104 1.33 30.33 16.33
CA ARG A 104 2.17 30.82 17.41
C ARG A 104 1.89 32.29 17.70
N ASN A 105 1.83 33.12 16.65
CA ASN A 105 1.45 34.52 16.83
C ASN A 105 0.11 34.63 17.54
N ALA A 106 -0.85 33.79 17.15
CA ALA A 106 -2.15 33.78 17.82
C ALA A 106 -2.00 33.55 19.32
N LEU A 107 -1.12 32.62 19.71
CA LEU A 107 -0.97 32.25 21.11
C LEU A 107 -0.31 33.34 21.96
N LYS A 108 0.27 34.37 21.33
CA LYS A 108 0.91 35.42 22.11
C LYS A 108 -0.12 36.32 22.78
N TRP A 109 -1.28 36.50 22.17
CA TRP A 109 -2.30 37.37 22.70
C TRP A 109 -3.29 36.65 23.60
N ASP A 110 -3.44 35.35 23.43
CA ASP A 110 -4.24 34.49 24.30
C ASP A 110 -3.27 33.48 24.91
N LYS A 111 -2.93 33.69 26.19
CA LYS A 111 -1.82 32.96 26.81
C LYS A 111 -1.95 31.46 26.64
N ASP A 112 -3.11 30.89 26.96
CA ASP A 112 -3.29 29.45 27.00
C ASP A 112 -4.52 29.02 26.21
N ASN A 113 -4.79 29.66 25.08
CA ASN A 113 -6.00 29.35 24.31
C ASN A 113 -6.01 27.88 23.91
N LEU A 114 -7.07 27.18 24.29
CA LEU A 114 -7.15 25.73 24.08
C LEU A 114 -7.26 25.39 22.60
N GLN A 115 -8.29 25.91 21.92
CA GLN A 115 -8.56 25.51 20.54
C GLN A 115 -7.40 25.87 19.61
N ILE A 116 -6.64 26.90 19.94
CA ILE A 116 -5.48 27.22 19.12
C ILE A 116 -4.43 26.11 19.23
N LEU A 117 -4.23 25.58 20.44
CA LEU A 117 -3.28 24.48 20.62
C LEU A 117 -3.75 23.21 19.91
N ARG A 118 -5.06 22.98 19.83
CA ARG A 118 -5.56 21.80 19.14
C ARG A 118 -5.25 21.87 17.65
N ASP A 119 -5.59 23.00 17.01
CA ASP A 119 -5.24 23.17 15.60
C ASP A 119 -3.74 23.13 15.39
N LEU A 120 -2.97 23.56 16.41
CA LEU A 120 -1.52 23.44 16.36
C LEU A 120 -1.08 21.98 16.43
N SER A 121 -1.51 21.27 17.48
CA SER A 121 -1.19 19.86 17.62
C SER A 121 -1.63 19.06 16.40
N LEU A 122 -2.85 19.32 15.91
CA LEU A 122 -3.34 18.64 14.71
C LEU A 122 -2.41 18.85 13.53
N LEU A 123 -1.90 20.07 13.35
CA LEU A 123 -0.94 20.32 12.29
C LEU A 123 0.43 19.77 12.66
N GLN A 124 0.74 19.69 13.96
CA GLN A 124 2.07 19.19 14.36
C GLN A 124 2.17 17.68 14.15
N ILE A 125 1.11 16.94 14.45
CA ILE A 125 1.14 15.50 14.22
C ILE A 125 1.10 15.20 12.72
N GLN A 126 0.43 16.05 11.93
CA GLN A 126 0.43 15.90 10.49
C GLN A 126 1.83 16.10 9.91
N MET A 127 2.55 17.11 10.40
CA MET A 127 3.92 17.36 9.98
C MET A 127 4.93 16.40 10.62
N ARG A 128 4.47 15.52 11.50
CA ARG A 128 5.34 14.56 12.18
C ARG A 128 6.43 15.28 12.97
N ASP A 129 6.04 16.32 13.71
CA ASP A 129 6.94 17.00 14.65
C ASP A 129 6.63 16.43 16.03
N LEU A 130 7.24 15.27 16.33
CA LEU A 130 6.75 14.44 17.42
C LEU A 130 7.11 15.00 18.80
N GLU A 131 8.20 15.75 18.90
CA GLU A 131 8.57 16.32 20.19
C GLU A 131 7.86 17.64 20.46
N GLY A 132 7.50 18.39 19.42
CA GLY A 132 6.71 19.59 19.57
C GLY A 132 5.26 19.24 19.80
N TYR A 133 4.77 18.25 19.06
CA TYR A 133 3.43 17.72 19.32
C TYR A 133 3.33 17.15 20.73
N ARG A 134 4.46 16.68 21.28
CA ARG A 134 4.48 16.25 22.67
C ARG A 134 4.15 17.40 23.61
N GLU A 135 4.91 18.49 23.53
CA GLU A 135 4.68 19.64 24.41
C GLU A 135 3.32 20.27 24.16
N THR A 136 2.95 20.44 22.89
CA THR A 136 1.66 21.04 22.57
C THR A 136 0.51 20.23 23.16
N ARG A 137 0.64 18.90 23.16
CA ARG A 137 -0.36 18.07 23.83
C ARG A 137 -0.22 18.16 25.35
N TYR A 138 1.01 18.33 25.85
CA TYR A 138 1.23 18.40 27.28
C TYR A 138 0.54 19.61 27.90
N GLN A 139 0.63 20.77 27.23
CA GLN A 139 -0.09 21.95 27.67
C GLN A 139 -1.59 21.65 27.81
N LEU A 140 -2.16 21.01 26.79
CA LEU A 140 -3.57 20.59 26.87
C LEU A 140 -3.82 19.68 28.06
N LEU A 141 -2.85 18.82 28.40
CA LEU A 141 -3.00 17.99 29.59
C LEU A 141 -2.85 18.83 30.87
N GLN A 142 -1.97 19.84 30.85
CA GLN A 142 -1.86 20.74 31.99
C GLN A 142 -3.10 21.61 32.14
N LEU A 143 -3.67 22.08 31.03
CA LEU A 143 -4.78 23.01 31.09
C LEU A 143 -6.08 22.32 31.46
N ARG A 144 -6.47 21.29 30.70
CA ARG A 144 -7.69 20.54 30.97
C ARG A 144 -7.33 19.07 31.22
N PRO A 145 -7.04 18.69 32.46
CA PRO A 145 -6.80 17.28 32.78
C PRO A 145 -8.06 16.45 32.90
N ALA A 146 -9.24 17.04 32.67
CA ALA A 146 -10.50 16.30 32.69
C ALA A 146 -10.98 15.89 31.31
N GLN A 147 -10.61 16.62 30.26
CA GLN A 147 -11.00 16.23 28.90
C GLN A 147 -10.35 14.90 28.53
N ARG A 148 -11.12 14.05 27.86
CA ARG A 148 -10.65 12.70 27.54
C ARG A 148 -9.45 12.73 26.61
N ALA A 149 -9.53 13.52 25.53
CA ALA A 149 -8.48 13.53 24.52
C ALA A 149 -7.16 14.03 25.08
N SER A 150 -7.21 14.91 26.10
CA SER A 150 -5.99 15.49 26.66
C SER A 150 -4.99 14.41 27.06
N TRP A 151 -5.48 13.30 27.60
CA TRP A 151 -4.62 12.18 27.95
C TRP A 151 -4.25 11.33 26.74
N ILE A 152 -5.17 11.23 25.77
CA ILE A 152 -4.93 10.35 24.63
C ILE A 152 -3.83 10.91 23.74
N GLY A 153 -4.00 12.16 23.27
CA GLY A 153 -2.98 12.78 22.45
C GLY A 153 -1.60 12.82 23.09
N TYR A 154 -1.55 12.83 24.42
CA TYR A 154 -0.28 12.73 25.12
C TYR A 154 0.28 11.31 25.05
N ALA A 155 -0.57 10.31 25.34
CA ALA A 155 -0.14 8.92 25.26
C ALA A 155 0.22 8.53 23.83
N ILE A 156 -0.52 9.04 22.85
CA ILE A 156 -0.16 8.84 21.45
C ILE A 156 1.22 9.44 21.17
N ALA A 157 1.51 10.60 21.75
CA ALA A 157 2.77 11.28 21.49
C ALA A 157 3.98 10.43 21.88
N TYR A 158 3.92 9.82 23.07
CA TYR A 158 5.01 8.96 23.51
C TYR A 158 5.10 7.69 22.68
N HIS A 159 3.96 7.15 22.24
CA HIS A 159 3.99 5.90 21.46
C HIS A 159 4.60 6.13 20.08
N LEU A 160 4.32 7.28 19.46
CA LEU A 160 4.96 7.60 18.19
C LEU A 160 6.45 7.81 18.35
N LEU A 161 6.87 8.35 19.49
CA LEU A 161 8.28 8.60 19.80
C LEU A 161 9.02 7.34 20.25
N GLU A 162 8.31 6.22 20.40
CA GLU A 162 8.82 4.92 20.85
C GLU A 162 9.19 4.89 22.32
N ASP A 163 8.77 5.87 23.12
CA ASP A 163 8.79 5.73 24.58
C ASP A 163 7.57 4.90 24.96
N TYR A 164 7.69 3.58 24.73
CA TYR A 164 6.55 2.70 24.92
C TYR A 164 6.21 2.54 26.40
N GLU A 165 7.22 2.41 27.26
CA GLU A 165 6.94 2.14 28.67
C GLU A 165 6.22 3.30 29.34
N MET A 166 6.57 4.53 28.97
CA MET A 166 5.90 5.69 29.55
C MET A 166 4.45 5.78 29.10
N ALA A 167 4.20 5.59 27.80
CA ALA A 167 2.83 5.68 27.27
C ALA A 167 1.90 4.69 27.94
N ALA A 168 2.42 3.53 28.37
CA ALA A 168 1.59 2.56 29.07
C ALA A 168 1.07 3.13 30.39
N LYS A 169 1.95 3.76 31.17
CA LYS A 169 1.52 4.45 32.40
C LYS A 169 0.45 5.48 32.10
N ILE A 170 0.61 6.21 30.99
CA ILE A 170 -0.33 7.29 30.66
C ILE A 170 -1.72 6.72 30.40
N LEU A 171 -1.79 5.64 29.62
CA LEU A 171 -3.07 4.99 29.38
C LEU A 171 -3.69 4.44 30.65
N GLU A 172 -2.87 4.15 31.67
CA GLU A 172 -3.38 3.52 32.88
C GLU A 172 -4.18 4.50 33.73
N GLU A 173 -3.56 5.62 34.13
CA GLU A 173 -4.27 6.60 34.95
C GLU A 173 -5.48 7.19 34.24
N PHE A 174 -5.49 7.16 32.90
CA PHE A 174 -6.71 7.47 32.16
C PHE A 174 -7.71 6.33 32.27
N ARG A 175 -7.24 5.09 32.17
CA ARG A 175 -8.14 3.94 32.26
C ARG A 175 -8.78 3.82 33.64
N LYS A 176 -8.06 4.21 34.70
CA LYS A 176 -8.63 4.17 36.05
C LYS A 176 -9.93 4.94 36.13
N THR A 177 -10.12 5.95 35.28
CA THR A 177 -11.34 6.75 35.31
C THR A 177 -12.53 6.01 34.72
N GLN A 178 -12.28 5.07 33.81
CA GLN A 178 -13.36 4.51 33.01
C GLN A 178 -14.15 3.45 33.76
N GLN A 179 -13.48 2.62 34.56
CA GLN A 179 -14.19 1.57 35.30
C GLN A 179 -15.14 2.17 36.33
N THR A 180 -14.80 3.33 36.88
CA THR A 180 -15.67 3.97 37.86
C THR A 180 -16.89 4.59 37.20
N SER A 181 -16.72 5.14 35.99
CA SER A 181 -17.83 5.84 35.33
C SER A 181 -18.91 4.85 34.91
N PRO A 182 -20.18 5.16 35.16
CA PRO A 182 -21.27 4.31 34.67
C PRO A 182 -21.74 4.62 33.26
N ASP A 183 -21.29 5.72 32.65
CA ASP A 183 -21.63 6.03 31.27
C ASP A 183 -20.65 5.41 30.27
N LYS A 184 -19.85 4.45 30.71
CA LYS A 184 -18.80 3.87 29.87
C LYS A 184 -19.40 3.17 28.66
N VAL A 185 -18.81 3.42 27.49
CA VAL A 185 -19.22 2.79 26.24
C VAL A 185 -18.33 1.57 26.01
N ASP A 186 -18.95 0.40 25.88
CA ASP A 186 -18.22 -0.85 25.99
C ASP A 186 -17.23 -1.04 24.85
N TYR A 187 -17.61 -0.63 23.63
CA TYR A 187 -16.68 -0.75 22.51
C TYR A 187 -15.47 0.17 22.69
N GLU A 188 -15.69 1.40 23.15
CA GLU A 188 -14.58 2.33 23.36
C GLU A 188 -13.64 1.82 24.45
N TYR A 189 -14.20 1.30 25.55
CA TYR A 189 -13.37 0.75 26.62
C TYR A 189 -12.58 -0.47 26.14
N SER A 190 -13.22 -1.32 25.33
CA SER A 190 -12.52 -2.46 24.75
C SER A 190 -11.34 -2.02 23.89
N GLU A 191 -11.56 -1.02 23.04
CA GLU A 191 -10.48 -0.52 22.18
C GLU A 191 -9.35 0.07 23.00
N LEU A 192 -9.69 0.71 24.14
CA LEU A 192 -8.68 1.33 24.98
C LEU A 192 -7.71 0.29 25.53
N LEU A 193 -8.23 -0.82 26.04
CA LEU A 193 -7.37 -1.83 26.65
C LEU A 193 -6.50 -2.53 25.62
N LEU A 194 -7.07 -2.86 24.46
CA LEU A 194 -6.30 -3.50 23.41
C LEU A 194 -5.17 -2.61 22.90
N TYR A 195 -5.35 -1.28 22.95
CA TYR A 195 -4.24 -0.39 22.66
C TYR A 195 -3.25 -0.35 23.81
N GLN A 196 -3.75 -0.35 25.05
CA GLN A 196 -2.86 -0.43 26.21
C GLN A 196 -2.05 -1.72 26.19
N ASN A 197 -2.68 -2.84 25.84
CA ASN A 197 -1.94 -4.09 25.71
C ASN A 197 -0.93 -4.01 24.58
N GLN A 198 -1.35 -3.45 23.43
CA GLN A 198 -0.43 -3.32 22.30
C GLN A 198 0.78 -2.49 22.67
N VAL A 199 0.62 -1.49 23.54
CA VAL A 199 1.75 -0.70 23.98
C VAL A 199 2.75 -1.57 24.74
N LEU A 200 2.26 -2.37 25.69
CA LEU A 200 3.13 -3.22 26.50
C LEU A 200 3.93 -4.18 25.65
N ARG A 201 3.26 -4.90 24.75
CA ARG A 201 3.94 -5.87 23.91
C ARG A 201 4.98 -5.22 23.02
N GLU A 202 4.76 -3.97 22.61
CA GLU A 202 5.77 -3.25 21.84
C GLU A 202 6.95 -2.85 22.71
N ALA A 203 6.78 -2.85 24.04
CA ALA A 203 7.86 -2.56 24.98
C ALA A 203 8.52 -3.81 25.54
N GLY A 204 8.12 -5.00 25.07
CA GLY A 204 8.71 -6.23 25.52
C GLY A 204 8.24 -6.74 26.86
N LEU A 205 7.30 -6.04 27.50
CA LEU A 205 6.70 -6.51 28.75
C LEU A 205 5.64 -7.55 28.42
N TYR A 206 6.11 -8.76 28.13
CA TYR A 206 5.20 -9.82 27.71
C TYR A 206 4.43 -10.41 28.89
N ARG A 207 5.14 -10.68 30.00
CA ARG A 207 4.47 -11.19 31.19
C ARG A 207 3.40 -10.21 31.67
N GLU A 208 3.79 -8.93 31.83
CA GLU A 208 2.84 -7.91 32.29
C GLU A 208 1.63 -7.81 31.37
N ALA A 209 1.86 -7.98 30.07
CA ALA A 209 0.75 -7.89 29.11
C ALA A 209 -0.25 -9.02 29.30
N LEU A 210 0.24 -10.23 29.56
CA LEU A 210 -0.68 -11.36 29.73
C LEU A 210 -1.55 -11.18 30.98
N GLU A 211 -0.96 -10.76 32.09
CA GLU A 211 -1.75 -10.48 33.28
C GLU A 211 -2.73 -9.35 33.03
N HIS A 212 -2.27 -8.28 32.35
CA HIS A 212 -3.19 -7.23 31.92
C HIS A 212 -4.28 -7.79 31.02
N LEU A 213 -3.92 -8.68 30.09
CA LEU A 213 -4.88 -9.17 29.12
C LEU A 213 -6.02 -9.93 29.81
N CYS A 214 -5.68 -10.90 30.67
CA CYS A 214 -6.71 -11.75 31.28
C CYS A 214 -7.73 -10.93 32.06
N THR A 215 -7.26 -9.98 32.88
CA THR A 215 -8.16 -9.19 33.71
C THR A 215 -9.18 -8.43 32.86
N TYR A 216 -8.70 -7.71 31.86
CA TYR A 216 -9.56 -6.89 31.01
C TYR A 216 -10.13 -7.64 29.82
N GLU A 217 -9.75 -8.91 29.63
CA GLU A 217 -10.29 -9.69 28.50
C GLU A 217 -11.79 -9.87 28.63
N LYS A 218 -12.31 -9.92 29.86
CA LYS A 218 -13.76 -9.96 30.04
C LYS A 218 -14.41 -8.69 29.55
N GLN A 219 -13.67 -7.57 29.59
CA GLN A 219 -14.17 -6.26 29.20
C GLN A 219 -13.92 -5.93 27.73
N ILE A 220 -13.34 -6.85 26.96
CA ILE A 220 -12.94 -6.60 25.59
C ILE A 220 -13.94 -7.29 24.68
N CYS A 221 -14.75 -6.50 23.96
CA CYS A 221 -15.74 -7.09 23.07
C CYS A 221 -15.08 -7.88 21.94
N ASP A 222 -14.01 -7.34 21.37
CA ASP A 222 -13.27 -8.04 20.32
C ASP A 222 -12.61 -9.30 20.88
N LYS A 223 -12.98 -10.46 20.32
CA LYS A 223 -12.41 -11.72 20.76
C LYS A 223 -11.37 -12.28 19.81
N LEU A 224 -11.29 -11.77 18.57
CA LEU A 224 -10.18 -12.13 17.71
C LEU A 224 -8.89 -11.52 18.23
N ALA A 225 -8.94 -10.28 18.72
CA ALA A 225 -7.76 -9.64 19.28
C ALA A 225 -7.33 -10.34 20.57
N VAL A 226 -8.29 -10.64 21.45
CA VAL A 226 -7.97 -11.26 22.74
C VAL A 226 -7.27 -12.59 22.54
N GLU A 227 -7.71 -13.38 21.55
CA GLU A 227 -7.19 -14.72 21.38
C GLU A 227 -5.90 -14.75 20.55
N GLU A 228 -5.85 -13.95 19.47
CA GLU A 228 -4.63 -13.85 18.67
C GLU A 228 -3.47 -13.33 19.51
N THR A 229 -3.75 -12.42 20.44
CA THR A 229 -2.71 -11.93 21.34
C THR A 229 -2.32 -13.00 22.37
N LYS A 230 -3.33 -13.66 22.96
CA LYS A 230 -3.04 -14.69 23.96
C LYS A 230 -2.13 -15.78 23.38
N GLY A 231 -2.50 -16.32 22.23
CA GLY A 231 -1.67 -17.31 21.57
C GLY A 231 -0.27 -16.82 21.25
N GLU A 232 -0.09 -15.51 21.15
CA GLU A 232 1.22 -14.94 20.90
C GLU A 232 2.02 -14.79 22.19
N LEU A 233 1.36 -14.36 23.27
CA LEU A 233 2.05 -14.22 24.54
C LEU A 233 2.38 -15.58 25.15
N LEU A 234 1.49 -16.56 24.98
CA LEU A 234 1.70 -17.88 25.55
C LEU A 234 2.87 -18.60 24.89
N LEU A 235 3.17 -18.28 23.62
CA LEU A 235 4.38 -18.83 23.01
C LEU A 235 5.64 -18.17 23.56
N GLN A 236 5.57 -16.88 23.88
CA GLN A 236 6.76 -16.18 24.36
C GLN A 236 7.19 -16.68 25.74
N LEU A 237 6.22 -16.99 26.59
CA LEU A 237 6.49 -17.46 27.94
C LEU A 237 6.56 -18.97 28.04
N CYS A 238 6.62 -19.68 26.91
CA CYS A 238 6.80 -21.13 26.86
C CYS A 238 5.56 -21.99 27.11
N ARG A 239 4.39 -21.38 27.21
CA ARG A 239 3.16 -22.07 27.59
C ARG A 239 2.63 -22.65 26.28
N LEU A 240 3.17 -23.82 25.92
CA LEU A 240 2.76 -24.47 24.68
C LEU A 240 1.45 -25.23 24.83
N GLU A 241 1.13 -25.71 26.03
CA GLU A 241 -0.14 -26.38 26.25
C GLU A 241 -1.30 -25.40 26.08
N ASP A 242 -1.18 -24.22 26.66
CA ASP A 242 -2.25 -23.23 26.57
C ASP A 242 -2.28 -22.58 25.19
N ALA A 243 -1.11 -22.34 24.59
CA ALA A 243 -1.06 -21.77 23.25
C ALA A 243 -1.70 -22.70 22.23
N ALA A 244 -1.40 -24.01 22.33
CA ALA A 244 -2.03 -24.97 21.43
C ALA A 244 -3.54 -24.99 21.60
N ASP A 245 -4.00 -24.80 22.83
CA ASP A 245 -5.44 -24.73 23.08
C ASP A 245 -6.04 -23.51 22.40
N VAL A 246 -5.36 -22.36 22.48
CA VAL A 246 -5.87 -21.13 21.90
C VAL A 246 -5.97 -21.23 20.39
N TYR A 247 -4.94 -21.80 19.76
CA TYR A 247 -4.90 -21.83 18.30
C TYR A 247 -5.89 -22.83 17.73
N ARG A 248 -6.22 -23.89 18.49
CA ARG A 248 -7.29 -24.77 18.06
C ARG A 248 -8.62 -24.02 17.99
N GLY A 249 -8.83 -23.11 18.95
CA GLY A 249 -10.03 -22.28 18.93
C GLY A 249 -9.96 -21.16 17.91
N LEU A 250 -8.76 -20.73 17.56
CA LEU A 250 -8.61 -19.80 16.45
C LEU A 250 -8.83 -20.50 15.11
N GLN A 251 -8.33 -21.73 14.96
CA GLN A 251 -8.60 -22.49 13.75
C GLN A 251 -10.09 -22.76 13.61
N GLU A 252 -10.77 -23.01 14.73
CA GLU A 252 -12.21 -23.22 14.66
C GLU A 252 -12.92 -21.98 14.15
N ARG A 253 -12.48 -20.80 14.58
CA ARG A 253 -13.10 -19.55 14.15
C ARG A 253 -12.87 -19.30 12.68
N ASN A 254 -11.62 -19.28 12.27
CA ASN A 254 -11.23 -19.09 10.87
C ASN A 254 -10.20 -20.15 10.52
N PRO A 255 -10.62 -21.31 10.01
CA PRO A 255 -9.63 -22.29 9.56
C PRO A 255 -8.74 -21.73 8.48
N GLU A 256 -9.28 -20.96 7.54
CA GLU A 256 -8.52 -20.54 6.35
C GLU A 256 -7.29 -19.70 6.66
N ASN A 257 -7.25 -19.03 7.81
CA ASN A 257 -6.09 -18.19 8.14
C ASN A 257 -4.86 -19.06 8.38
N TRP A 258 -3.73 -18.61 7.83
CA TRP A 258 -2.50 -19.41 7.86
C TRP A 258 -1.80 -19.34 9.22
N ALA A 259 -1.79 -18.17 9.84
CA ALA A 259 -1.06 -17.97 11.09
C ALA A 259 -1.49 -18.97 12.16
N TYR A 260 -2.76 -19.37 12.16
CA TYR A 260 -3.25 -20.30 13.18
C TYR A 260 -2.66 -21.68 13.00
N TYR A 261 -2.35 -22.08 11.76
CA TYR A 261 -1.62 -23.33 11.55
C TYR A 261 -0.16 -23.20 11.95
N LYS A 262 0.45 -22.05 11.64
CA LYS A 262 1.82 -21.82 12.07
C LYS A 262 1.92 -21.70 13.58
N GLY A 263 0.97 -21.00 14.20
CA GLY A 263 0.94 -20.91 15.65
C GLY A 263 0.80 -22.27 16.31
N LEU A 264 -0.01 -23.16 15.73
CA LEU A 264 -0.15 -24.51 16.25
C LEU A 264 1.17 -25.27 16.14
N GLU A 265 1.87 -25.13 15.02
CA GLU A 265 3.19 -25.75 14.87
C GLU A 265 4.14 -25.26 15.96
N LYS A 266 4.17 -23.94 16.20
CA LYS A 266 5.07 -23.41 17.22
C LYS A 266 4.72 -23.93 18.61
N ALA A 267 3.42 -24.12 18.88
CA ALA A 267 2.99 -24.61 20.18
C ALA A 267 3.22 -26.12 20.32
N LEU A 268 2.80 -26.89 19.33
CA LEU A 268 2.96 -28.35 19.40
C LEU A 268 4.41 -28.77 19.23
N LYS A 269 5.21 -28.00 18.48
CA LYS A 269 6.60 -28.32 18.17
C LYS A 269 6.70 -29.72 17.58
N PRO A 270 6.19 -29.96 16.38
CA PRO A 270 6.26 -31.31 15.80
C PRO A 270 7.69 -31.77 15.64
N ALA A 271 7.90 -33.09 15.77
CA ALA A 271 9.23 -33.66 15.65
C ALA A 271 9.69 -33.69 14.19
N ASN A 272 8.81 -34.14 13.29
CA ASN A 272 9.13 -34.19 11.87
C ASN A 272 7.83 -34.15 11.08
N MET A 273 7.97 -34.23 9.75
CA MET A 273 6.83 -34.04 8.84
C MET A 273 5.65 -34.94 9.21
N LEU A 274 5.92 -36.18 9.60
CA LEU A 274 4.86 -37.07 10.04
C LEU A 274 4.03 -36.44 11.14
N GLU A 275 4.68 -36.07 12.26
CA GLU A 275 3.96 -35.42 13.34
C GLU A 275 3.51 -34.01 12.98
N ARG A 276 4.07 -33.42 11.93
CA ARG A 276 3.69 -32.08 11.49
C ARG A 276 2.52 -32.11 10.52
N LEU A 277 2.46 -33.12 9.64
CA LEU A 277 1.31 -33.30 8.78
C LEU A 277 0.05 -33.64 9.56
N LYS A 278 0.19 -34.22 10.77
CA LYS A 278 -0.96 -34.53 11.60
C LYS A 278 -1.71 -33.27 12.04
N ILE A 279 -1.00 -32.13 12.15
CA ILE A 279 -1.66 -30.88 12.50
C ILE A 279 -2.66 -30.48 11.43
N TYR A 280 -2.25 -30.59 10.16
CA TYR A 280 -3.14 -30.25 9.06
C TYR A 280 -4.13 -31.38 8.76
N GLU A 281 -3.68 -32.64 8.86
CA GLU A 281 -4.58 -33.76 8.63
C GLU A 281 -5.75 -33.76 9.60
N GLU A 282 -5.51 -33.37 10.85
CA GLU A 282 -6.62 -33.17 11.78
C GLU A 282 -7.55 -32.06 11.31
N ALA A 283 -6.98 -31.02 10.69
CA ALA A 283 -7.81 -29.95 10.14
C ALA A 283 -8.54 -30.38 8.87
N TRP A 284 -7.95 -31.29 8.07
CA TRP A 284 -8.72 -31.91 6.98
C TRP A 284 -10.02 -32.49 7.51
N THR A 285 -9.93 -33.24 8.61
CA THR A 285 -11.04 -34.07 9.04
C THR A 285 -12.07 -33.28 9.83
N LYS A 286 -11.63 -32.32 10.66
CA LYS A 286 -12.57 -31.53 11.43
C LYS A 286 -13.37 -30.57 10.54
N TYR A 287 -12.73 -29.98 9.54
CA TYR A 287 -13.38 -29.05 8.62
C TYR A 287 -13.01 -29.43 7.20
N PRO A 288 -13.67 -30.44 6.61
CA PRO A 288 -13.23 -30.96 5.31
C PRO A 288 -13.42 -29.99 4.16
N ARG A 289 -14.44 -29.14 4.21
CA ARG A 289 -14.67 -28.19 3.11
C ARG A 289 -13.50 -27.23 2.95
N GLY A 290 -12.78 -26.95 4.04
CA GLY A 290 -11.67 -26.02 3.95
C GLY A 290 -10.57 -26.55 3.04
N LEU A 291 -9.95 -25.63 2.28
CA LEU A 291 -8.90 -25.99 1.35
C LEU A 291 -7.50 -25.72 1.90
N VAL A 292 -7.38 -24.82 2.88
CA VAL A 292 -6.05 -24.45 3.38
C VAL A 292 -5.27 -25.65 3.91
N PRO A 293 -5.82 -26.52 4.76
CA PRO A 293 -5.02 -27.66 5.24
C PRO A 293 -4.71 -28.65 4.13
N ARG A 294 -5.47 -28.66 3.04
CA ARG A 294 -5.15 -29.53 1.92
C ARG A 294 -4.00 -28.99 1.08
N ARG A 295 -3.72 -27.70 1.15
CA ARG A 295 -2.71 -27.06 0.32
C ARG A 295 -1.41 -26.78 1.06
N LEU A 296 -1.49 -26.23 2.27
CA LEU A 296 -0.28 -25.84 3.01
C LEU A 296 0.78 -26.93 3.12
N PRO A 297 0.46 -28.20 3.40
CA PRO A 297 1.52 -29.21 3.49
C PRO A 297 2.29 -29.44 2.20
N LEU A 298 1.71 -29.13 1.04
CA LEU A 298 2.45 -29.27 -0.21
C LEU A 298 3.67 -28.36 -0.29
N ASN A 299 3.83 -27.43 0.65
CA ASN A 299 5.02 -26.57 0.68
C ASN A 299 6.24 -27.31 1.22
N PHE A 300 6.06 -28.19 2.21
CA PHE A 300 7.18 -28.88 2.80
C PHE A 300 7.21 -30.38 2.55
N LEU A 301 6.10 -30.97 2.11
CA LEU A 301 6.11 -32.39 1.80
C LEU A 301 6.96 -32.65 0.55
N SER A 302 7.68 -33.77 0.56
CA SER A 302 8.56 -34.13 -0.53
C SER A 302 8.42 -35.61 -0.83
N GLY A 303 8.65 -35.98 -2.08
CA GLY A 303 8.66 -37.40 -2.44
C GLY A 303 7.30 -38.05 -2.28
N GLU A 304 7.29 -39.20 -1.60
CA GLU A 304 6.08 -40.00 -1.48
C GLU A 304 5.01 -39.28 -0.66
N LYS A 305 5.39 -38.64 0.45
CA LYS A 305 4.44 -37.89 1.25
C LYS A 305 3.79 -36.77 0.43
N PHE A 306 4.59 -36.08 -0.39
CA PHE A 306 4.07 -35.00 -1.22
C PHE A 306 3.16 -35.54 -2.32
N LYS A 307 3.59 -36.60 -3.00
CA LYS A 307 2.82 -37.13 -4.12
C LYS A 307 1.46 -37.65 -3.68
N GLU A 308 1.40 -38.32 -2.52
CA GLU A 308 0.14 -38.81 -2.01
C GLU A 308 -0.81 -37.66 -1.69
N CYS A 309 -0.29 -36.63 -1.00
CA CYS A 309 -1.13 -35.51 -0.61
C CYS A 309 -1.54 -34.67 -1.82
N LEU A 310 -0.67 -34.57 -2.82
CA LEU A 310 -1.02 -33.81 -4.03
C LEU A 310 -2.14 -34.48 -4.79
N ASP A 311 -2.14 -35.82 -4.84
CA ASP A 311 -3.17 -36.54 -5.57
C ASP A 311 -4.56 -36.24 -5.02
N LYS A 312 -4.68 -36.13 -3.69
CA LYS A 312 -5.96 -35.76 -3.10
C LYS A 312 -6.38 -34.36 -3.54
N PHE A 313 -5.43 -33.43 -3.59
CA PHE A 313 -5.77 -32.03 -3.84
C PHE A 313 -6.30 -31.83 -5.26
N LEU A 314 -5.62 -32.40 -6.25
CA LEU A 314 -6.04 -32.22 -7.64
C LEU A 314 -7.36 -32.91 -7.92
N ARG A 315 -7.50 -34.16 -7.46
CA ARG A 315 -8.73 -34.91 -7.69
C ARG A 315 -9.95 -34.19 -7.11
N MET A 316 -9.77 -33.54 -5.96
CA MET A 316 -10.87 -32.78 -5.37
C MET A 316 -11.21 -31.54 -6.20
N ASN A 317 -10.26 -31.02 -6.97
CA ASN A 317 -10.49 -29.80 -7.73
C ASN A 317 -10.65 -30.03 -9.22
N PHE A 318 -10.09 -31.12 -9.77
CA PHE A 318 -10.39 -31.46 -11.15
C PHE A 318 -11.82 -31.98 -11.30
N SER A 319 -12.37 -32.58 -10.24
CA SER A 319 -13.79 -32.95 -10.23
C SER A 319 -14.66 -31.73 -9.97
N LYS A 320 -14.42 -31.03 -8.85
CA LYS A 320 -15.13 -29.80 -8.54
C LYS A 320 -14.88 -28.70 -9.55
N GLY A 321 -13.89 -28.87 -10.43
CA GLY A 321 -13.66 -27.94 -11.51
C GLY A 321 -13.15 -26.58 -11.11
N CYS A 322 -12.23 -26.53 -10.15
CA CYS A 322 -11.75 -25.26 -9.63
C CYS A 322 -10.85 -24.58 -10.65
N PRO A 323 -11.19 -23.37 -11.11
CA PRO A 323 -10.28 -22.63 -12.01
C PRO A 323 -8.96 -22.26 -11.35
N PRO A 324 -8.92 -21.85 -10.05
CA PRO A 324 -7.66 -21.29 -9.53
C PRO A 324 -6.68 -22.32 -8.99
N VAL A 325 -6.70 -23.56 -9.49
CA VAL A 325 -5.82 -24.58 -8.92
C VAL A 325 -4.37 -24.29 -9.23
N PHE A 326 -4.06 -23.98 -10.50
CA PHE A 326 -2.68 -23.68 -10.87
C PHE A 326 -2.13 -22.47 -10.12
N ASN A 327 -2.99 -21.62 -9.56
CA ASN A 327 -2.52 -20.46 -8.81
C ASN A 327 -1.80 -20.88 -7.53
N THR A 328 -2.38 -21.83 -6.78
CA THR A 328 -1.70 -22.33 -5.60
C THR A 328 -0.42 -23.07 -5.96
N LEU A 329 -0.49 -23.90 -7.01
CA LEU A 329 0.70 -24.61 -7.50
C LEU A 329 1.75 -23.63 -8.00
N ARG A 330 1.31 -22.53 -8.63
CA ARG A 330 2.21 -21.50 -9.16
C ARG A 330 3.37 -21.18 -8.23
N SER A 331 3.10 -21.04 -6.94
CA SER A 331 4.14 -20.78 -5.95
C SER A 331 5.00 -21.99 -5.65
N LEU A 332 4.50 -23.20 -5.92
CA LEU A 332 5.26 -24.41 -5.64
C LEU A 332 6.28 -24.75 -6.71
N TYR A 333 6.19 -24.13 -7.89
CA TYR A 333 7.00 -24.56 -9.03
C TYR A 333 8.47 -24.18 -8.91
N LYS A 334 8.84 -23.40 -7.88
CA LYS A 334 10.26 -23.11 -7.67
C LYS A 334 11.08 -24.37 -7.51
N ASP A 335 10.47 -25.46 -7.02
CA ASP A 335 11.15 -26.73 -6.84
C ASP A 335 10.94 -27.58 -8.09
N LYS A 336 12.02 -27.81 -8.84
CA LYS A 336 11.94 -28.66 -10.02
C LYS A 336 11.72 -30.12 -9.67
N GLU A 337 12.17 -30.55 -8.48
CA GLU A 337 11.89 -31.91 -8.04
C GLU A 337 10.38 -32.16 -7.98
N LYS A 338 9.63 -31.20 -7.45
CA LYS A 338 8.19 -31.34 -7.35
C LYS A 338 7.48 -31.16 -8.69
N VAL A 339 8.11 -30.47 -9.64
CA VAL A 339 7.47 -30.26 -10.94
C VAL A 339 7.23 -31.57 -11.67
N ALA A 340 8.28 -32.40 -11.79
CA ALA A 340 8.15 -33.68 -12.48
C ALA A 340 7.08 -34.55 -11.84
N ILE A 341 6.95 -34.48 -10.51
CA ILE A 341 5.86 -35.19 -9.83
C ILE A 341 4.51 -34.70 -10.35
N ILE A 342 4.36 -33.39 -10.52
CA ILE A 342 3.11 -32.84 -11.03
C ILE A 342 2.92 -33.20 -12.49
N GLU A 343 3.95 -32.95 -13.31
CA GLU A 343 3.85 -33.21 -14.74
C GLU A 343 3.50 -34.66 -15.02
N GLU A 344 4.12 -35.59 -14.29
CA GLU A 344 3.83 -37.00 -14.52
C GLU A 344 2.47 -37.40 -13.98
N LEU A 345 2.08 -36.86 -12.82
CA LEU A 345 0.80 -37.21 -12.22
C LEU A 345 -0.36 -36.83 -13.14
N VAL A 346 -0.32 -35.62 -13.69
CA VAL A 346 -1.45 -35.11 -14.44
C VAL A 346 -1.51 -35.72 -15.84
N VAL A 347 -0.36 -35.90 -16.50
CA VAL A 347 -0.39 -36.64 -17.75
C VAL A 347 -0.84 -38.07 -17.51
N GLY A 348 -0.63 -38.58 -16.29
CA GLY A 348 -1.29 -39.82 -15.89
C GLY A 348 -2.79 -39.67 -15.85
N TYR A 349 -3.27 -38.58 -15.23
CA TYR A 349 -4.69 -38.26 -15.28
C TYR A 349 -5.18 -38.17 -16.71
N GLU A 350 -4.42 -37.49 -17.58
CA GLU A 350 -4.86 -37.26 -18.96
C GLU A 350 -5.19 -38.55 -19.67
N THR A 351 -4.23 -39.48 -19.70
CA THR A 351 -4.42 -40.75 -20.42
C THR A 351 -5.62 -41.51 -19.86
N SER A 352 -5.59 -41.80 -18.57
CA SER A 352 -6.62 -42.61 -17.93
C SER A 352 -8.02 -42.02 -18.07
N LEU A 353 -8.12 -40.71 -18.26
CA LEU A 353 -9.42 -40.08 -18.50
C LEU A 353 -9.85 -40.15 -19.97
N LYS A 354 -8.89 -40.20 -20.90
CA LYS A 354 -9.23 -40.23 -22.32
C LYS A 354 -9.66 -41.62 -22.77
N SER A 355 -8.94 -42.66 -22.35
CA SER A 355 -9.24 -44.02 -22.78
C SER A 355 -10.18 -44.74 -21.82
N CYS A 356 -9.91 -44.65 -20.51
CA CYS A 356 -10.68 -45.38 -19.52
C CYS A 356 -11.66 -44.51 -18.76
N ARG A 357 -11.63 -43.19 -18.95
CA ARG A 357 -12.58 -42.21 -18.40
C ARG A 357 -12.67 -42.27 -16.87
N LEU A 358 -11.50 -42.27 -16.22
CA LEU A 358 -11.41 -42.09 -14.77
C LEU A 358 -9.98 -41.73 -14.42
N PHE A 359 -9.81 -41.25 -13.17
CA PHE A 359 -8.50 -40.74 -12.74
C PHE A 359 -7.41 -41.81 -12.87
N ASN A 360 -7.69 -43.02 -12.42
CA ASN A 360 -6.72 -44.11 -12.41
C ASN A 360 -7.55 -45.35 -12.73
N PRO A 361 -7.11 -46.19 -13.68
CA PRO A 361 -7.89 -47.41 -13.98
C PRO A 361 -8.03 -48.33 -12.78
N ASN A 362 -7.11 -48.23 -11.82
CA ASN A 362 -7.13 -49.10 -10.66
C ASN A 362 -8.11 -48.63 -9.59
N ASP A 363 -8.29 -47.31 -9.44
CA ASP A 363 -9.18 -46.83 -8.39
C ASP A 363 -10.63 -47.20 -8.71
N ASP A 364 -11.35 -47.64 -7.68
CA ASP A 364 -12.70 -48.19 -7.84
C ASP A 364 -13.70 -47.14 -7.38
N GLY A 365 -14.11 -46.28 -8.30
CA GLY A 365 -15.13 -45.30 -8.05
C GLY A 365 -15.87 -45.02 -9.35
N LYS A 366 -16.96 -44.28 -9.22
CA LYS A 366 -17.75 -43.94 -10.40
C LYS A 366 -16.92 -43.15 -11.39
N GLU A 367 -17.14 -43.43 -12.68
CA GLU A 367 -16.39 -42.76 -13.73
C GLU A 367 -16.57 -41.25 -13.67
N GLU A 368 -15.56 -40.53 -14.15
CA GLU A 368 -15.67 -39.08 -13.99
C GLU A 368 -16.34 -38.45 -15.20
N PRO A 369 -17.07 -37.35 -15.00
CA PRO A 369 -17.69 -36.63 -16.12
C PRO A 369 -16.65 -36.11 -17.09
N PRO A 370 -17.06 -35.69 -18.30
CA PRO A 370 -16.08 -35.14 -19.26
C PRO A 370 -15.48 -33.81 -18.82
N THR A 371 -16.03 -33.17 -17.77
CA THR A 371 -15.45 -31.92 -17.29
C THR A 371 -14.06 -32.14 -16.71
N THR A 372 -13.86 -33.25 -15.99
CA THR A 372 -12.61 -33.48 -15.29
C THR A 372 -11.43 -33.47 -16.25
N LEU A 373 -11.57 -34.11 -17.41
CA LEU A 373 -10.49 -34.10 -18.40
C LEU A 373 -10.21 -32.69 -18.89
N LEU A 374 -11.27 -31.89 -19.12
CA LEU A 374 -11.08 -30.48 -19.45
C LEU A 374 -10.42 -29.73 -18.30
N TRP A 375 -10.96 -29.87 -17.08
CA TRP A 375 -10.38 -29.25 -15.91
C TRP A 375 -8.94 -29.71 -15.70
N VAL A 376 -8.56 -30.85 -16.24
CA VAL A 376 -7.14 -31.23 -16.33
C VAL A 376 -6.44 -30.39 -17.38
N GLN A 377 -6.94 -30.44 -18.62
CA GLN A 377 -6.30 -29.73 -19.72
C GLN A 377 -6.19 -28.24 -19.45
N TYR A 378 -7.09 -27.70 -18.62
CA TYR A 378 -6.92 -26.35 -18.10
C TYR A 378 -5.59 -26.23 -17.36
N TYR A 379 -5.27 -27.21 -16.52
CA TYR A 379 -4.02 -27.17 -15.77
C TYR A 379 -2.82 -27.37 -16.70
N LEU A 380 -2.87 -28.39 -17.56
CA LEU A 380 -1.72 -28.71 -18.39
C LEU A 380 -1.40 -27.64 -19.41
N ALA A 381 -2.30 -26.69 -19.66
CA ALA A 381 -1.96 -25.53 -20.46
C ALA A 381 -1.25 -24.46 -19.65
N GLN A 382 -1.62 -24.34 -18.36
CA GLN A 382 -0.92 -23.42 -17.47
C GLN A 382 0.40 -24.00 -16.99
N HIS A 383 0.50 -25.34 -16.91
CA HIS A 383 1.75 -26.01 -16.57
C HIS A 383 2.81 -25.74 -17.63
N TYR A 384 2.61 -26.30 -18.83
CA TYR A 384 3.59 -26.15 -19.91
C TYR A 384 3.83 -24.70 -20.31
N ASP A 385 2.99 -23.77 -19.85
CA ASP A 385 3.26 -22.36 -20.06
C ASP A 385 4.30 -21.84 -19.07
N LYS A 386 4.33 -22.38 -17.85
CA LYS A 386 5.32 -21.98 -16.86
C LYS A 386 6.70 -22.59 -17.13
N ILE A 387 6.76 -23.72 -17.83
CA ILE A 387 8.05 -24.37 -18.10
C ILE A 387 8.56 -23.87 -19.44
N GLY A 388 8.10 -22.70 -19.86
CA GLY A 388 8.60 -22.08 -21.07
C GLY A 388 8.40 -22.88 -22.33
N GLN A 389 7.39 -23.76 -22.37
CA GLN A 389 7.01 -24.48 -23.58
C GLN A 389 5.58 -24.08 -23.98
N PRO A 390 5.38 -22.85 -24.45
CA PRO A 390 4.04 -22.46 -24.92
C PRO A 390 3.63 -23.21 -26.16
N SER A 391 4.60 -23.80 -26.88
CA SER A 391 4.30 -24.60 -28.06
C SER A 391 3.36 -25.74 -27.74
N ILE A 392 3.71 -26.55 -26.73
CA ILE A 392 2.84 -27.64 -26.31
C ILE A 392 1.67 -27.09 -25.49
N ALA A 393 1.89 -26.01 -24.72
CA ALA A 393 0.83 -25.44 -23.90
C ALA A 393 -0.35 -24.97 -24.76
N LEU A 394 -0.09 -24.51 -25.98
CA LEU A 394 -1.16 -24.08 -26.87
C LEU A 394 -1.97 -25.26 -27.38
N GLU A 395 -1.30 -26.36 -27.73
CA GLU A 395 -1.98 -27.54 -28.25
C GLU A 395 -2.87 -28.20 -27.20
N TYR A 396 -2.75 -27.82 -25.94
CA TYR A 396 -3.64 -28.32 -24.90
C TYR A 396 -4.87 -27.42 -24.75
N ILE A 397 -4.65 -26.13 -24.51
CA ILE A 397 -5.76 -25.19 -24.33
C ILE A 397 -6.61 -25.10 -25.60
N ASN A 398 -5.99 -25.29 -26.77
CA ASN A 398 -6.75 -25.33 -28.01
C ASN A 398 -7.61 -26.58 -28.10
N THR A 399 -6.98 -27.75 -27.97
CA THR A 399 -7.72 -29.01 -27.93
C THR A 399 -8.77 -28.99 -26.82
N ALA A 400 -8.54 -28.19 -25.76
CA ALA A 400 -9.53 -27.97 -24.72
C ALA A 400 -10.64 -27.02 -25.15
N ILE A 401 -10.41 -26.19 -26.16
CA ILE A 401 -11.42 -25.23 -26.60
C ILE A 401 -12.43 -25.89 -27.53
N GLU A 402 -11.99 -26.79 -28.41
CA GLU A 402 -12.93 -27.49 -29.29
C GLU A 402 -13.98 -28.26 -28.49
N SER A 403 -13.62 -28.75 -27.30
CA SER A 403 -14.59 -29.43 -26.46
C SER A 403 -15.64 -28.45 -25.93
N THR A 404 -15.20 -27.28 -25.47
CA THR A 404 -16.08 -26.24 -24.94
C THR A 404 -15.61 -24.87 -25.41
N PRO A 405 -16.34 -24.20 -26.31
CA PRO A 405 -15.92 -22.89 -26.81
C PRO A 405 -16.51 -21.70 -26.07
N THR A 406 -17.26 -21.91 -25.00
CA THR A 406 -17.92 -20.82 -24.27
C THR A 406 -17.34 -20.60 -22.89
N LEU A 407 -16.20 -21.22 -22.58
CA LEU A 407 -15.59 -21.12 -21.25
C LEU A 407 -14.61 -19.97 -21.24
N ILE A 408 -14.95 -18.90 -20.52
CA ILE A 408 -14.11 -17.70 -20.48
C ILE A 408 -12.73 -18.03 -19.92
N GLU A 409 -12.68 -18.76 -18.80
CA GLU A 409 -11.41 -19.08 -18.17
C GLU A 409 -10.46 -19.82 -19.11
N LEU A 410 -10.98 -20.45 -20.16
CA LEU A 410 -10.11 -21.03 -21.18
C LEU A 410 -9.42 -19.95 -22.01
N PHE A 411 -10.09 -18.82 -22.25
CA PHE A 411 -9.51 -17.77 -23.08
C PHE A 411 -8.48 -16.97 -22.30
N LEU A 412 -8.74 -16.69 -21.02
CA LEU A 412 -7.76 -16.00 -20.18
C LEU A 412 -6.41 -16.70 -20.24
N VAL A 413 -6.42 -18.04 -20.27
CA VAL A 413 -5.19 -18.80 -20.39
C VAL A 413 -4.64 -18.76 -21.82
N LYS A 414 -5.53 -18.66 -22.81
CA LYS A 414 -5.08 -18.50 -24.19
C LYS A 414 -4.33 -17.19 -24.37
N ALA A 415 -4.77 -16.14 -23.67
CA ALA A 415 -4.05 -14.86 -23.72
C ALA A 415 -2.79 -14.91 -22.89
N LYS A 416 -2.85 -15.52 -21.70
CA LYS A 416 -1.68 -15.62 -20.84
C LYS A 416 -0.52 -16.29 -21.56
N ILE A 417 -0.81 -17.29 -22.39
CA ILE A 417 0.25 -18.02 -23.08
C ILE A 417 1.01 -17.09 -24.02
N TYR A 418 0.27 -16.37 -24.88
CA TYR A 418 0.92 -15.41 -25.77
C TYR A 418 1.61 -14.30 -24.98
N LYS A 419 1.07 -13.91 -23.83
CA LYS A 419 1.71 -12.86 -23.04
C LYS A 419 3.09 -13.29 -22.58
N HIS A 420 3.22 -14.52 -22.08
CA HIS A 420 4.52 -15.02 -21.66
C HIS A 420 5.43 -15.31 -22.85
N ALA A 421 4.86 -15.77 -23.97
CA ALA A 421 5.55 -15.69 -25.24
C ALA A 421 5.70 -14.22 -25.64
N GLY A 422 6.35 -13.96 -26.77
CA GLY A 422 6.63 -12.58 -27.11
C GLY A 422 5.46 -11.80 -27.67
N ASN A 423 4.45 -12.48 -28.21
CA ASN A 423 3.36 -11.81 -28.91
C ASN A 423 2.35 -11.29 -27.89
N ILE A 424 2.26 -9.97 -27.78
CA ILE A 424 1.22 -9.32 -26.99
C ILE A 424 -0.03 -9.04 -27.81
N LYS A 425 0.14 -8.68 -29.09
CA LYS A 425 -1.00 -8.32 -29.93
C LYS A 425 -1.99 -9.48 -30.06
N GLU A 426 -1.49 -10.69 -30.33
CA GLU A 426 -2.38 -11.84 -30.44
C GLU A 426 -3.09 -12.13 -29.13
N ALA A 427 -2.43 -11.92 -27.99
CA ALA A 427 -3.06 -12.20 -26.70
C ALA A 427 -4.18 -11.21 -26.40
N ALA A 428 -3.96 -9.92 -26.66
CA ALA A 428 -5.00 -8.93 -26.45
C ALA A 428 -6.23 -9.21 -27.29
N ARG A 429 -6.04 -9.84 -28.47
CA ARG A 429 -7.18 -10.21 -29.31
C ARG A 429 -8.00 -11.33 -28.68
N TRP A 430 -7.43 -12.08 -27.73
CA TRP A 430 -8.16 -13.14 -27.03
C TRP A 430 -8.90 -12.62 -25.81
N MET A 431 -8.31 -11.65 -25.08
CA MET A 431 -9.05 -11.01 -24.00
C MET A 431 -10.27 -10.29 -24.52
N ASP A 432 -10.25 -9.84 -25.77
CA ASP A 432 -11.42 -9.21 -26.37
C ASP A 432 -12.59 -10.17 -26.44
N GLU A 433 -12.33 -11.43 -26.79
CA GLU A 433 -13.39 -12.42 -26.85
C GLU A 433 -13.89 -12.81 -25.46
N ALA A 434 -12.99 -12.85 -24.47
CA ALA A 434 -13.36 -13.26 -23.12
C ALA A 434 -14.39 -12.33 -22.52
N GLN A 435 -14.17 -11.02 -22.62
CA GLN A 435 -15.14 -10.07 -22.09
C GLN A 435 -16.41 -10.02 -22.93
N ALA A 436 -16.35 -10.44 -24.19
CA ALA A 436 -17.55 -10.46 -25.03
C ALA A 436 -18.56 -11.49 -24.57
N LEU A 437 -18.12 -12.53 -23.86
CA LEU A 437 -19.02 -13.56 -23.37
C LEU A 437 -19.83 -13.02 -22.19
N ASP A 438 -19.15 -12.70 -21.09
CA ASP A 438 -19.78 -12.00 -19.97
C ASP A 438 -19.39 -10.53 -20.07
N THR A 439 -20.35 -9.69 -20.44
CA THR A 439 -20.13 -8.27 -20.60
C THR A 439 -20.46 -7.46 -19.36
N ALA A 440 -20.91 -8.11 -18.29
CA ALA A 440 -21.20 -7.43 -17.03
C ALA A 440 -20.13 -7.66 -15.97
N ASP A 441 -19.06 -8.37 -16.31
CA ASP A 441 -17.98 -8.66 -15.36
C ASP A 441 -16.84 -7.70 -15.65
N ARG A 442 -16.70 -6.68 -14.79
CA ARG A 442 -15.67 -5.67 -15.02
C ARG A 442 -14.27 -6.26 -14.89
N PHE A 443 -14.13 -7.39 -14.20
CA PHE A 443 -12.83 -8.03 -14.07
C PHE A 443 -12.22 -8.33 -15.44
N ILE A 444 -12.92 -9.13 -16.25
CA ILE A 444 -12.41 -9.45 -17.58
C ILE A 444 -12.28 -8.20 -18.42
N ASN A 445 -13.18 -7.24 -18.24
CA ASN A 445 -13.07 -5.94 -18.90
C ASN A 445 -11.74 -5.28 -18.59
N SER A 446 -11.44 -5.10 -17.30
CA SER A 446 -10.22 -4.42 -16.90
C SER A 446 -8.97 -5.13 -17.42
N LYS A 447 -8.96 -6.46 -17.36
CA LYS A 447 -7.80 -7.20 -17.83
C LYS A 447 -7.65 -7.12 -19.34
N CYS A 448 -8.76 -7.16 -20.08
CA CYS A 448 -8.71 -6.90 -21.51
C CYS A 448 -8.09 -5.54 -21.80
N ALA A 449 -8.66 -4.50 -21.18
CA ALA A 449 -8.14 -3.15 -21.35
C ALA A 449 -6.65 -3.08 -21.01
N LYS A 450 -6.25 -3.71 -19.90
CA LYS A 450 -4.84 -3.77 -19.54
C LYS A 450 -4.03 -4.45 -20.64
N TYR A 451 -4.47 -5.63 -21.08
CA TYR A 451 -3.80 -6.30 -22.20
C TYR A 451 -3.79 -5.44 -23.45
N MET A 452 -4.81 -4.59 -23.64
CA MET A 452 -4.84 -3.70 -24.79
C MET A 452 -3.91 -2.51 -24.60
N LEU A 453 -3.86 -1.95 -23.38
CA LEU A 453 -2.88 -0.93 -23.07
C LEU A 453 -1.46 -1.39 -23.39
N LYS A 454 -1.12 -2.62 -23.03
CA LYS A 454 0.22 -3.14 -23.25
C LYS A 454 0.54 -3.30 -24.73
N ALA A 455 -0.47 -3.36 -25.60
CA ALA A 455 -0.26 -3.47 -27.03
C ALA A 455 -0.22 -2.11 -27.71
N ASN A 456 0.01 -1.03 -26.95
CA ASN A 456 -0.02 0.33 -27.46
C ASN A 456 -1.38 0.69 -28.06
N LEU A 457 -2.45 0.29 -27.38
CA LEU A 457 -3.83 0.51 -27.83
C LEU A 457 -4.55 1.34 -26.77
N ILE A 458 -4.21 2.62 -26.68
CA ILE A 458 -4.79 3.47 -25.64
C ILE A 458 -6.26 3.75 -25.95
N LYS A 459 -6.56 4.19 -27.17
CA LYS A 459 -7.95 4.47 -27.53
C LYS A 459 -8.80 3.22 -27.44
N GLU A 460 -8.26 2.07 -27.89
CA GLU A 460 -9.00 0.82 -27.81
C GLU A 460 -9.38 0.50 -26.36
N ALA A 461 -8.44 0.68 -25.43
CA ALA A 461 -8.66 0.30 -24.04
C ALA A 461 -9.56 1.29 -23.31
N GLU A 462 -9.46 2.58 -23.64
CA GLU A 462 -10.35 3.56 -23.03
C GLU A 462 -11.81 3.24 -23.34
N GLU A 463 -12.09 2.87 -24.60
CA GLU A 463 -13.46 2.45 -24.95
C GLU A 463 -13.89 1.23 -24.17
N MET A 464 -12.94 0.32 -23.90
CA MET A 464 -13.26 -0.86 -23.09
C MET A 464 -13.61 -0.45 -21.66
N CYS A 465 -12.75 0.35 -21.01
CA CYS A 465 -13.05 0.82 -19.67
C CYS A 465 -14.28 1.72 -19.64
N SER A 466 -14.60 2.36 -20.78
CA SER A 466 -15.71 3.32 -20.84
C SER A 466 -17.05 2.69 -20.52
N LYS A 467 -17.13 1.36 -20.55
CA LYS A 467 -18.40 0.68 -20.28
C LYS A 467 -18.77 0.80 -18.80
N PHE A 468 -17.80 0.72 -17.90
CA PHE A 468 -18.05 0.69 -16.46
C PHE A 468 -17.76 2.01 -15.77
N THR A 469 -17.43 3.05 -16.52
CA THR A 469 -17.23 4.36 -15.94
C THR A 469 -18.54 5.17 -15.99
N ARG A 470 -18.54 6.28 -15.26
CA ARG A 470 -19.66 7.19 -15.29
C ARG A 470 -19.92 7.67 -16.71
N GLU A 471 -21.20 7.80 -17.07
CA GLU A 471 -21.59 8.20 -18.41
C GLU A 471 -21.68 9.71 -18.59
N GLY A 472 -21.21 10.49 -17.61
CA GLY A 472 -21.20 11.94 -17.70
C GLY A 472 -19.86 12.55 -18.06
N THR A 473 -18.83 11.73 -18.31
CA THR A 473 -17.51 12.25 -18.62
C THR A 473 -16.72 11.16 -19.34
N SER A 474 -15.51 11.52 -19.76
CA SER A 474 -14.61 10.54 -20.37
C SER A 474 -14.19 9.50 -19.35
N ALA A 475 -13.98 8.27 -19.83
CA ALA A 475 -13.57 7.18 -18.94
C ALA A 475 -12.25 7.52 -18.26
N VAL A 476 -11.27 8.02 -19.02
CA VAL A 476 -9.97 8.37 -18.47
C VAL A 476 -10.13 9.34 -17.30
N GLU A 477 -10.99 10.34 -17.46
CA GLU A 477 -11.21 11.29 -16.37
C GLU A 477 -11.83 10.62 -15.17
N ASN A 478 -12.80 9.71 -15.39
CA ASN A 478 -13.43 9.01 -14.29
C ASN A 478 -12.43 8.13 -13.53
N LEU A 479 -11.44 7.59 -14.24
CA LEU A 479 -10.42 6.79 -13.57
C LEU A 479 -9.49 7.64 -12.71
N ASN A 480 -9.24 8.88 -13.10
CA ASN A 480 -8.51 9.80 -12.24
C ASN A 480 -9.34 10.19 -11.01
N GLU A 481 -10.66 10.35 -11.19
CA GLU A 481 -11.54 10.71 -10.07
C GLU A 481 -11.58 9.62 -9.02
N MET A 482 -11.58 8.35 -9.46
CA MET A 482 -11.74 7.22 -8.57
C MET A 482 -10.40 6.54 -8.24
N GLN A 483 -9.28 7.20 -8.54
CA GLN A 483 -7.93 6.75 -8.15
C GLN A 483 -7.58 5.38 -8.72
N CYS A 484 -8.00 5.15 -9.97
CA CYS A 484 -7.79 3.88 -10.66
C CYS A 484 -6.32 3.80 -11.09
N MET A 485 -5.48 3.38 -10.15
CA MET A 485 -4.04 3.48 -10.36
C MET A 485 -3.49 2.38 -11.25
N TRP A 486 -4.14 1.22 -11.31
CA TRP A 486 -3.69 0.20 -12.26
C TRP A 486 -3.81 0.68 -13.69
N PHE A 487 -4.81 1.54 -13.91
CA PHE A 487 -4.99 2.23 -15.18
C PHE A 487 -3.94 3.32 -15.46
N GLN A 488 -3.59 4.13 -14.45
CA GLN A 488 -2.64 5.21 -14.70
C GLN A 488 -1.25 4.67 -15.00
N THR A 489 -0.93 3.61 -14.30
CA THR A 489 0.38 2.94 -14.29
C THR A 489 0.63 2.10 -15.55
N GLU A 490 -0.38 1.38 -16.01
CA GLU A 490 -0.21 0.57 -17.21
C GLU A 490 -0.37 1.42 -18.47
N CYS A 491 -1.15 2.49 -18.41
CA CYS A 491 -1.28 3.39 -19.54
C CYS A 491 -0.14 4.41 -19.61
N ALA A 492 0.49 4.73 -18.48
CA ALA A 492 1.69 5.56 -18.50
C ALA A 492 2.88 4.79 -19.07
N GLN A 493 3.04 3.54 -18.65
CA GLN A 493 4.02 2.67 -19.28
C GLN A 493 3.71 2.46 -20.76
N ALA A 494 2.43 2.45 -21.11
CA ALA A 494 2.04 2.28 -22.51
C ALA A 494 2.41 3.50 -23.33
N TYR A 495 2.12 4.70 -22.80
CA TYR A 495 2.52 5.93 -23.48
C TYR A 495 4.02 6.01 -23.67
N LYS A 496 4.77 5.79 -22.58
CA LYS A 496 6.22 5.91 -22.63
C LYS A 496 6.82 5.03 -23.72
N ALA A 497 6.34 3.79 -23.87
CA ALA A 497 6.87 2.91 -24.90
C ALA A 497 6.56 3.41 -26.31
N MET A 498 5.58 4.31 -26.45
CA MET A 498 5.24 4.89 -27.74
C MET A 498 5.91 6.25 -27.96
N ASN A 499 6.96 6.56 -27.19
CA ASN A 499 7.71 7.81 -27.29
C ASN A 499 6.83 9.03 -27.03
N LYS A 500 5.71 8.86 -26.33
CA LYS A 500 4.86 9.98 -25.93
C LYS A 500 5.15 10.31 -24.47
N PHE A 501 6.34 10.86 -24.25
CA PHE A 501 6.77 11.20 -22.90
C PHE A 501 5.87 12.26 -22.27
N GLY A 502 5.24 13.11 -23.10
CA GLY A 502 4.36 14.12 -22.55
C GLY A 502 3.15 13.52 -21.85
N GLU A 503 2.43 12.63 -22.55
CA GLU A 503 1.27 11.98 -21.95
C GLU A 503 1.69 11.04 -20.82
N ALA A 504 2.83 10.36 -20.97
CA ALA A 504 3.28 9.44 -19.94
C ALA A 504 3.68 10.19 -18.67
N LEU A 505 4.31 11.36 -18.81
CA LEU A 505 4.65 12.16 -17.64
C LEU A 505 3.40 12.70 -16.96
N LYS A 506 2.36 13.02 -17.73
CA LYS A 506 1.07 13.40 -17.17
C LYS A 506 0.63 12.41 -16.11
N LYS A 507 0.59 11.12 -16.47
CA LYS A 507 0.00 10.12 -15.59
C LYS A 507 0.86 9.88 -14.35
N CYS A 508 2.18 9.82 -14.50
CA CYS A 508 3.07 9.69 -13.36
C CYS A 508 2.79 10.77 -12.33
N HIS A 509 2.50 11.99 -12.80
CA HIS A 509 2.20 13.08 -11.89
C HIS A 509 0.79 12.96 -11.31
N GLU A 510 -0.14 12.43 -12.09
CA GLU A 510 -1.48 12.19 -11.56
C GLU A 510 -1.46 11.17 -10.43
N ILE A 511 -0.57 10.17 -10.52
CA ILE A 511 -0.43 9.18 -9.46
C ILE A 511 0.07 9.83 -8.18
N GLU A 512 1.13 10.65 -8.28
CA GLU A 512 1.65 11.32 -7.09
C GLU A 512 0.58 12.19 -6.45
N ARG A 513 -0.30 12.79 -7.25
CA ARG A 513 -1.40 13.58 -6.70
C ARG A 513 -2.31 12.71 -5.84
N HIS A 514 -2.54 11.46 -6.28
CA HIS A 514 -3.32 10.52 -5.47
C HIS A 514 -2.66 10.27 -4.13
N PHE A 515 -1.35 10.03 -4.13
CA PHE A 515 -0.63 9.82 -2.89
C PHE A 515 -0.64 11.06 -2.02
N ILE A 516 -0.66 12.24 -2.63
CA ILE A 516 -0.82 13.47 -1.86
C ILE A 516 -2.18 13.48 -1.18
N GLU A 517 -3.24 13.10 -1.90
CA GLU A 517 -4.57 13.01 -1.32
C GLU A 517 -4.61 12.05 -0.14
N ILE A 518 -4.21 10.78 -0.38
CA ILE A 518 -4.22 9.78 0.69
C ILE A 518 -3.34 10.20 1.86
N THR A 519 -2.31 11.00 1.60
CA THR A 519 -1.49 11.52 2.70
C THR A 519 -2.20 12.66 3.42
N ASP A 520 -2.98 13.46 2.70
CA ASP A 520 -3.74 14.53 3.35
C ASP A 520 -4.98 14.01 4.05
N ASP A 521 -5.49 12.84 3.64
CA ASP A 521 -6.79 12.37 4.11
C ASP A 521 -6.77 12.10 5.61
N GLN A 522 -5.61 11.80 6.17
CA GLN A 522 -5.53 11.44 7.58
C GLN A 522 -5.92 12.57 8.51
N PHE A 523 -5.93 13.82 8.03
CA PHE A 523 -6.04 14.97 8.92
C PHE A 523 -7.35 14.97 9.70
N ASP A 524 -8.47 14.70 9.04
CA ASP A 524 -9.76 14.75 9.73
C ASP A 524 -9.89 13.64 10.78
N PHE A 525 -9.03 12.64 10.76
CA PHE A 525 -9.11 11.51 11.67
C PHE A 525 -8.29 11.70 12.94
N HIS A 526 -7.63 12.85 13.10
CA HIS A 526 -6.89 13.07 14.33
C HIS A 526 -7.83 13.37 15.49
N THR A 527 -8.85 14.20 15.26
CA THR A 527 -9.88 14.40 16.28
C THR A 527 -10.93 13.30 16.24
N TYR A 528 -11.16 12.71 15.06
CA TYR A 528 -12.15 11.65 14.93
C TYR A 528 -11.78 10.44 15.76
N CYS A 529 -10.58 9.91 15.56
CA CYS A 529 -10.18 8.67 16.23
C CYS A 529 -10.00 8.88 17.73
N MET A 530 -9.49 10.05 18.14
CA MET A 530 -9.43 10.34 19.56
C MET A 530 -10.82 10.46 20.18
N ARG A 531 -11.85 10.64 19.36
CA ARG A 531 -13.23 10.66 19.83
C ARG A 531 -13.86 9.27 19.83
N LYS A 532 -13.48 8.41 18.89
CA LYS A 532 -14.06 7.09 18.74
C LYS A 532 -13.23 6.01 19.45
N ILE A 533 -11.99 6.31 19.83
CA ILE A 533 -11.10 5.48 20.65
C ILE A 533 -10.54 4.31 19.83
N THR A 534 -10.81 4.30 18.52
CA THR A 534 -10.19 3.30 17.67
C THR A 534 -8.68 3.53 17.60
N LEU A 535 -8.01 3.46 18.75
CA LEU A 535 -6.65 3.98 18.86
C LEU A 535 -5.63 3.06 18.20
N ARG A 536 -5.82 1.75 18.32
CA ARG A 536 -4.93 0.80 17.66
C ARG A 536 -4.84 1.07 16.17
N SER A 537 -5.99 1.14 15.50
CA SER A 537 -6.00 1.31 14.05
C SER A 537 -5.56 2.71 13.64
N TYR A 538 -5.83 3.70 14.47
CA TYR A 538 -5.40 5.08 14.18
C TYR A 538 -3.89 5.16 14.05
N VAL A 539 -3.16 4.56 15.00
CA VAL A 539 -1.71 4.49 14.90
C VAL A 539 -1.29 3.75 13.64
N ASP A 540 -1.86 2.56 13.42
CA ASP A 540 -1.46 1.75 12.29
C ASP A 540 -1.65 2.49 10.98
N LEU A 541 -2.60 3.44 10.93
CA LEU A 541 -2.73 4.32 9.77
C LEU A 541 -1.60 5.34 9.75
N LEU A 542 -1.35 5.99 10.90
CA LEU A 542 -0.24 6.93 11.00
C LEU A 542 1.07 6.30 10.57
N LYS A 543 1.35 5.09 11.04
CA LYS A 543 2.55 4.39 10.62
C LYS A 543 2.48 3.98 9.15
N LEU A 544 1.28 3.83 8.58
CA LEU A 544 1.15 3.58 7.16
C LEU A 544 1.37 4.85 6.34
N GLU A 545 0.86 5.99 6.83
CA GLU A 545 1.05 7.26 6.13
C GLU A 545 2.52 7.61 5.99
N ASP A 546 3.35 7.16 6.95
CA ASP A 546 4.76 7.51 6.96
C ASP A 546 5.52 6.80 5.84
N VAL A 547 5.21 5.52 5.62
CA VAL A 547 5.82 4.77 4.54
C VAL A 547 4.78 4.49 3.46
N LEU A 548 3.83 5.42 3.28
CA LEU A 548 2.77 5.23 2.30
C LEU A 548 3.33 5.05 0.90
N ARG A 549 4.34 5.82 0.55
CA ARG A 549 4.83 5.94 -0.81
C ARG A 549 5.71 4.76 -1.23
N GLN A 550 5.86 3.73 -0.40
CA GLN A 550 6.58 2.53 -0.78
C GLN A 550 5.68 1.51 -1.46
N HIS A 551 4.38 1.75 -1.50
CA HIS A 551 3.44 0.89 -2.20
C HIS A 551 3.90 0.69 -3.65
N PRO A 552 3.69 -0.49 -4.23
CA PRO A 552 4.25 -0.77 -5.57
C PRO A 552 3.75 0.15 -6.67
N PHE A 553 2.64 0.86 -6.44
CA PHE A 553 2.12 1.75 -7.49
C PHE A 553 3.03 2.93 -7.72
N TYR A 554 3.49 3.57 -6.65
CA TYR A 554 4.37 4.73 -6.80
C TYR A 554 5.71 4.35 -7.42
N PHE A 555 6.24 3.18 -7.08
CA PHE A 555 7.49 2.76 -7.72
C PHE A 555 7.29 2.57 -9.21
N LYS A 556 6.12 2.06 -9.61
CA LYS A 556 5.88 1.91 -11.04
C LYS A 556 5.73 3.27 -11.72
N ALA A 557 5.29 4.29 -10.99
CA ALA A 557 5.19 5.63 -11.55
C ALA A 557 6.56 6.30 -11.61
N ALA A 558 7.27 6.35 -10.46
CA ALA A 558 8.57 7.02 -10.40
C ALA A 558 9.57 6.37 -11.34
N ARG A 559 9.53 5.04 -11.45
CA ARG A 559 10.35 4.35 -12.44
C ARG A 559 10.19 4.97 -13.82
N ILE A 560 8.95 5.00 -14.30
CA ILE A 560 8.66 5.56 -15.62
C ILE A 560 9.11 7.02 -15.70
N ALA A 561 8.74 7.80 -14.68
CA ALA A 561 9.06 9.23 -14.68
C ALA A 561 10.57 9.45 -14.69
N ILE A 562 11.30 8.85 -13.74
CA ILE A 562 12.74 9.00 -13.71
C ILE A 562 13.37 8.51 -15.00
N GLU A 563 12.93 7.34 -15.48
CA GLU A 563 13.43 6.85 -16.76
C GLU A 563 13.16 7.86 -17.88
N ILE A 564 11.95 8.43 -17.90
CA ILE A 564 11.62 9.40 -18.95
C ILE A 564 12.41 10.68 -18.77
N TYR A 565 12.48 11.19 -17.53
CA TYR A 565 13.19 12.43 -17.26
C TYR A 565 14.67 12.34 -17.65
N LEU A 566 15.30 11.21 -17.35
CA LEU A 566 16.67 10.98 -17.81
C LEU A 566 16.74 10.99 -19.34
N LYS A 567 15.79 10.31 -20.00
CA LYS A 567 15.81 10.24 -21.46
C LYS A 567 15.64 11.61 -22.08
N LEU A 568 14.97 12.54 -21.38
CA LEU A 568 14.82 13.89 -21.90
C LEU A 568 16.04 14.74 -21.62
N HIS A 569 16.62 14.61 -20.43
CA HIS A 569 17.82 15.35 -20.09
C HIS A 569 18.94 15.06 -21.07
N ASP A 570 19.16 13.77 -21.39
CA ASP A 570 20.19 13.39 -22.35
C ASP A 570 19.94 14.01 -23.72
N ASN A 571 18.80 13.67 -24.34
CA ASN A 571 18.45 14.11 -25.68
C ASN A 571 17.17 14.94 -25.60
N PRO A 572 17.28 16.23 -25.26
CA PRO A 572 16.06 17.05 -25.11
C PRO A 572 15.42 17.33 -26.47
N LEU A 573 14.12 17.56 -26.44
CA LEU A 573 13.35 17.84 -27.64
C LEU A 573 13.78 19.17 -28.28
N PRO A 638 -9.11 23.74 -7.65
CA PRO A 638 -8.58 23.25 -8.93
C PRO A 638 -7.12 23.65 -9.16
N LYS A 639 -6.20 22.78 -8.73
CA LYS A 639 -4.78 23.04 -8.87
C LYS A 639 -4.38 23.05 -10.35
N GLU A 640 -3.10 23.32 -10.60
CA GLU A 640 -2.56 23.37 -11.95
C GLU A 640 -2.95 22.14 -12.75
N GLU A 641 -3.67 22.35 -13.85
CA GLU A 641 -3.87 21.29 -14.81
C GLU A 641 -2.51 20.90 -15.39
N LEU A 642 -2.23 19.59 -15.40
CA LEU A 642 -0.94 19.09 -15.88
C LEU A 642 -1.05 18.96 -17.39
N ILE A 643 -0.30 19.78 -18.11
CA ILE A 643 -0.32 19.82 -19.57
C ILE A 643 0.85 18.99 -20.08
N PRO A 644 0.61 17.96 -20.91
CA PRO A 644 1.69 17.06 -21.34
C PRO A 644 2.91 17.76 -21.96
N GLU A 645 2.69 18.48 -23.06
CA GLU A 645 3.80 19.11 -23.78
C GLU A 645 4.60 20.02 -22.86
N LYS A 646 3.93 20.71 -21.92
CA LYS A 646 4.63 21.56 -20.97
C LYS A 646 5.52 20.75 -20.04
N LEU A 647 5.05 19.57 -19.62
CA LEU A 647 5.82 18.72 -18.70
C LEU A 647 7.09 18.19 -19.35
N ALA A 648 7.02 17.76 -20.61
CA ALA A 648 8.19 17.21 -21.27
C ALA A 648 9.27 18.26 -21.48
N LYS A 649 8.89 19.46 -21.94
CA LYS A 649 9.85 20.51 -22.27
C LYS A 649 10.36 21.24 -21.03
N VAL A 650 10.32 20.59 -19.86
CA VAL A 650 10.76 21.23 -18.62
C VAL A 650 12.24 21.60 -18.71
N GLU A 651 12.59 22.76 -18.13
CA GLU A 651 13.98 23.18 -18.12
C GLU A 651 14.85 22.23 -17.32
N THR A 652 14.35 21.74 -16.19
CA THR A 652 15.13 20.98 -15.22
C THR A 652 14.57 19.57 -15.08
N PRO A 653 14.90 18.66 -16.00
CA PRO A 653 14.38 17.29 -15.90
C PRO A 653 14.97 16.54 -14.72
N LEU A 654 16.29 16.56 -14.58
CA LEU A 654 16.94 15.84 -13.50
C LEU A 654 16.43 16.30 -12.14
N GLU A 655 16.24 17.61 -11.97
CA GLU A 655 15.75 18.13 -10.70
C GLU A 655 14.30 17.73 -10.44
N GLU A 656 13.54 17.41 -11.48
CA GLU A 656 12.19 16.88 -11.31
C GLU A 656 12.22 15.37 -11.06
N ALA A 657 13.15 14.65 -11.71
CA ALA A 657 13.31 13.23 -11.47
C ALA A 657 13.71 12.95 -10.02
N ILE A 658 14.43 13.87 -9.39
CA ILE A 658 14.81 13.71 -7.99
C ILE A 658 13.57 13.76 -7.10
N LYS A 659 12.61 14.63 -7.43
CA LYS A 659 11.37 14.71 -6.67
C LYS A 659 10.69 13.35 -6.59
N PHE A 660 10.77 12.57 -7.67
CA PHE A 660 10.28 11.20 -7.63
C PHE A 660 11.22 10.28 -6.87
N LEU A 661 12.53 10.57 -6.89
CA LEU A 661 13.49 9.64 -6.33
C LEU A 661 13.56 9.74 -4.80
N THR A 662 13.42 10.94 -4.26
CA THR A 662 13.55 11.12 -2.82
C THR A 662 12.63 10.23 -1.99
N PRO A 663 11.35 10.04 -2.34
CA PRO A 663 10.56 9.05 -1.58
C PRO A 663 11.09 7.64 -1.71
N LEU A 664 11.60 7.28 -2.89
CA LEU A 664 12.23 5.96 -3.05
C LEU A 664 13.42 5.81 -2.11
N LYS A 665 14.21 6.86 -1.94
CA LYS A 665 15.40 6.77 -1.12
C LYS A 665 15.05 6.62 0.36
N ASN A 666 13.98 7.24 0.81
CA ASN A 666 13.63 7.23 2.23
C ASN A 666 12.74 6.06 2.62
N LEU A 667 11.97 5.51 1.68
CA LEU A 667 10.94 4.54 2.00
C LEU A 667 11.12 3.17 1.37
N VAL A 668 11.85 3.05 0.27
CA VAL A 668 12.16 1.75 -0.29
C VAL A 668 13.66 1.66 -0.57
N LYS A 669 14.44 1.40 0.48
CA LYS A 669 15.89 1.27 0.35
C LYS A 669 16.33 -0.16 0.10
N ASN A 670 15.46 -1.14 0.37
CA ASN A 670 15.75 -2.55 0.18
C ASN A 670 15.67 -2.99 -1.28
N LYS A 671 15.24 -2.11 -2.18
CA LYS A 671 15.13 -2.43 -3.60
C LYS A 671 16.27 -1.75 -4.34
N ILE A 672 17.09 -2.54 -5.02
CA ILE A 672 18.34 -2.02 -5.58
C ILE A 672 18.07 -1.02 -6.71
N GLU A 673 16.95 -1.16 -7.42
CA GLU A 673 16.65 -0.25 -8.53
C GLU A 673 16.53 1.19 -8.04
N THR A 674 16.23 1.40 -6.76
CA THR A 674 16.20 2.74 -6.19
C THR A 674 17.55 3.44 -6.37
N HIS A 675 18.61 2.85 -5.82
CA HIS A 675 19.94 3.47 -5.84
C HIS A 675 20.50 3.55 -7.24
N LEU A 676 20.27 2.52 -8.06
CA LEU A 676 20.75 2.54 -9.43
C LEU A 676 20.09 3.65 -10.24
N PHE A 677 18.87 4.05 -9.87
CA PHE A 677 18.29 5.25 -10.46
C PHE A 677 18.94 6.51 -9.91
N ALA A 678 19.22 6.52 -8.60
CA ALA A 678 19.92 7.65 -8.00
C ALA A 678 21.26 7.89 -8.68
N PHE A 679 21.95 6.80 -9.07
CA PHE A 679 23.20 6.95 -9.81
C PHE A 679 22.96 7.65 -11.15
N GLU A 680 22.17 7.03 -12.02
CA GLU A 680 21.93 7.58 -13.35
C GLU A 680 21.54 9.06 -13.29
N ILE A 681 20.88 9.49 -12.22
CA ILE A 681 20.61 10.90 -12.00
C ILE A 681 21.91 11.60 -11.63
N TYR A 682 22.44 11.27 -10.44
CA TYR A 682 23.58 11.99 -9.90
C TYR A 682 24.84 11.82 -10.73
N PHE A 683 24.89 10.81 -11.60
CA PHE A 683 25.99 10.71 -12.55
C PHE A 683 25.98 11.88 -13.52
N ARG A 684 24.81 12.17 -14.10
CA ARG A 684 24.67 13.29 -15.04
C ARG A 684 24.81 14.65 -14.36
N LYS A 685 24.81 14.70 -13.03
CA LYS A 685 25.00 15.95 -12.30
C LYS A 685 26.42 16.10 -11.76
N GLU A 686 27.28 15.09 -11.95
CA GLU A 686 28.68 15.11 -11.52
C GLU A 686 28.83 15.30 -10.01
N LYS A 687 27.78 15.02 -9.23
CA LYS A 687 27.88 14.99 -7.78
C LYS A 687 28.52 13.66 -7.40
N PHE A 688 29.85 13.66 -7.32
CA PHE A 688 30.58 12.41 -7.22
C PHE A 688 30.30 11.70 -5.90
N LEU A 689 30.24 12.44 -4.79
CA LEU A 689 29.95 11.80 -3.51
C LEU A 689 28.55 11.23 -3.43
N LEU A 690 27.66 11.59 -4.35
CA LEU A 690 26.35 10.96 -4.43
C LEU A 690 26.36 9.71 -5.31
N MET A 691 27.14 9.72 -6.39
CA MET A 691 27.39 8.48 -7.12
C MET A 691 27.99 7.44 -6.19
N LEU A 692 29.02 7.82 -5.43
CA LEU A 692 29.57 6.93 -4.42
C LEU A 692 28.50 6.49 -3.44
N GLN A 693 27.73 7.45 -2.90
CA GLN A 693 26.74 7.13 -1.89
C GLN A 693 25.78 6.04 -2.34
N SER A 694 25.30 6.12 -3.59
CA SER A 694 24.26 5.18 -4.01
C SER A 694 24.86 3.84 -4.43
N VAL A 695 26.01 3.87 -5.13
CA VAL A 695 26.71 2.62 -5.47
C VAL A 695 26.98 1.81 -4.21
N LYS A 696 27.40 2.50 -3.14
CA LYS A 696 27.61 1.85 -1.84
C LYS A 696 26.35 1.12 -1.38
N ARG A 697 25.20 1.78 -1.49
CA ARG A 697 23.96 1.19 -1.00
C ARG A 697 23.50 0.04 -1.89
N ALA A 698 23.65 0.18 -3.21
CA ALA A 698 23.36 -0.92 -4.11
C ALA A 698 24.36 -2.05 -3.93
N PHE A 699 25.61 -1.73 -3.61
CA PHE A 699 26.62 -2.75 -3.36
C PHE A 699 26.26 -3.59 -2.14
N ALA A 700 25.64 -2.98 -1.13
CA ALA A 700 25.29 -3.69 0.10
C ALA A 700 24.16 -4.68 -0.09
N ILE A 701 23.43 -4.58 -1.19
CA ILE A 701 22.33 -5.50 -1.49
C ILE A 701 22.77 -6.61 -2.43
N ASP A 702 23.40 -6.24 -3.55
CA ASP A 702 23.94 -7.19 -4.52
C ASP A 702 25.24 -6.60 -5.04
N SER A 703 26.37 -7.17 -4.65
CA SER A 703 27.65 -6.67 -5.15
C SER A 703 27.90 -7.07 -6.60
N SER A 704 27.13 -8.02 -7.15
CA SER A 704 27.35 -8.54 -8.49
C SER A 704 26.24 -8.14 -9.47
N HIS A 705 25.37 -7.21 -9.09
CA HIS A 705 24.27 -6.82 -9.95
C HIS A 705 24.82 -6.30 -11.28
N PRO A 706 24.26 -6.72 -12.43
CA PRO A 706 24.80 -6.25 -13.71
C PRO A 706 24.61 -4.75 -13.91
N TRP A 707 23.45 -4.22 -13.55
CA TRP A 707 23.23 -2.78 -13.64
C TRP A 707 24.12 -2.03 -12.66
N LEU A 708 24.28 -2.55 -11.44
CA LEU A 708 25.21 -1.92 -10.51
C LEU A 708 26.61 -1.89 -11.09
N HIS A 709 27.04 -2.98 -11.74
CA HIS A 709 28.38 -3.01 -12.30
C HIS A 709 28.57 -1.95 -13.39
N GLU A 710 27.57 -1.77 -14.26
CA GLU A 710 27.65 -0.68 -15.23
C GLU A 710 27.84 0.67 -14.55
N CYS A 711 27.18 0.87 -13.42
CA CYS A 711 27.34 2.12 -12.67
C CYS A 711 28.74 2.23 -12.08
N MET A 712 29.26 1.13 -11.54
CA MET A 712 30.56 1.16 -10.89
C MET A 712 31.69 1.43 -11.87
N ILE A 713 31.59 0.89 -13.09
CA ILE A 713 32.60 1.16 -14.11
C ILE A 713 32.70 2.65 -14.39
N ARG A 714 31.56 3.28 -14.69
CA ARG A 714 31.56 4.71 -15.00
C ARG A 714 31.98 5.54 -13.81
N LEU A 715 31.60 5.13 -12.59
CA LEU A 715 32.07 5.82 -11.40
C LEU A 715 33.59 5.71 -11.27
N PHE A 716 34.14 4.53 -11.52
CA PHE A 716 35.58 4.34 -11.40
C PHE A 716 36.31 5.04 -12.55
N ASN A 717 35.77 4.94 -13.77
CA ASN A 717 36.45 5.50 -14.93
C ASN A 717 36.44 7.02 -14.93
N THR A 718 35.29 7.62 -14.60
CA THR A 718 35.21 9.08 -14.64
C THR A 718 36.06 9.71 -13.55
N ALA A 719 36.22 9.04 -12.41
CA ALA A 719 37.10 9.55 -11.36
C ALA A 719 38.53 9.66 -11.86
N VAL A 720 39.06 8.59 -12.45
CA VAL A 720 40.46 8.59 -12.88
C VAL A 720 40.64 9.51 -14.09
N CYS A 721 39.66 9.56 -14.99
CA CYS A 721 39.78 10.35 -16.21
C CYS A 721 39.47 11.82 -16.01
N GLU A 722 39.05 12.22 -14.79
CA GLU A 722 38.68 13.62 -14.54
C GLU A 722 38.94 14.02 -13.08
N SER A 723 39.97 13.45 -12.45
CA SER A 723 40.19 13.68 -11.03
C SER A 723 40.89 15.00 -10.72
N LYS A 724 41.54 15.63 -11.70
CA LYS A 724 42.43 16.75 -11.37
C LYS A 724 41.62 17.95 -10.90
N ASP A 725 40.46 18.20 -11.50
CA ASP A 725 39.62 19.34 -11.14
C ASP A 725 38.53 18.94 -10.14
N LEU A 726 38.91 18.19 -9.11
CA LEU A 726 38.01 17.81 -8.04
C LEU A 726 38.52 18.36 -6.72
N SER A 727 37.59 18.66 -5.82
CA SER A 727 37.95 19.19 -4.50
C SER A 727 38.90 18.24 -3.80
N ASP A 728 39.91 18.81 -3.14
CA ASP A 728 40.85 18.00 -2.37
C ASP A 728 40.17 17.26 -1.21
N THR A 729 38.89 17.55 -0.97
CA THR A 729 38.08 16.84 0.02
C THR A 729 37.27 15.70 -0.60
N VAL A 730 36.80 15.85 -1.85
CA VAL A 730 36.15 14.75 -2.55
C VAL A 730 37.12 13.58 -2.69
N ARG A 731 38.24 13.81 -3.39
CA ARG A 731 39.21 12.75 -3.64
C ARG A 731 39.55 11.99 -2.38
N THR A 732 39.75 12.70 -1.28
CA THR A 732 39.93 12.05 0.01
C THR A 732 38.79 11.08 0.30
N VAL A 733 37.57 11.59 0.38
CA VAL A 733 36.39 10.74 0.60
C VAL A 733 36.17 9.81 -0.59
N LEU A 734 36.50 10.26 -1.80
CA LEU A 734 36.20 9.48 -2.99
C LEU A 734 37.11 8.27 -3.12
N LYS A 735 38.35 8.34 -2.64
CA LYS A 735 39.31 7.28 -2.92
C LYS A 735 39.42 6.26 -1.79
N GLN A 736 39.38 6.68 -0.53
CA GLN A 736 39.50 5.70 0.55
C GLN A 736 38.27 4.81 0.63
N GLU A 737 37.07 5.40 0.49
CA GLU A 737 35.85 4.59 0.43
C GLU A 737 35.82 3.74 -0.83
N MET A 738 36.31 4.28 -1.95
CA MET A 738 36.37 3.52 -3.18
C MET A 738 37.34 2.35 -3.05
N ASN A 739 38.53 2.60 -2.51
CA ASN A 739 39.51 1.52 -2.34
C ASN A 739 39.00 0.41 -1.43
N ARG A 740 38.15 0.75 -0.46
CA ARG A 740 37.63 -0.27 0.45
C ARG A 740 36.77 -1.28 -0.31
N LEU A 741 35.99 -0.81 -1.29
CA LEU A 741 35.13 -1.69 -2.08
C LEU A 741 35.67 -1.97 -3.47
N PHE A 742 36.23 -0.98 -4.15
CA PHE A 742 36.80 -1.21 -5.49
C PHE A 742 38.13 -1.94 -5.42
N GLY A 743 38.90 -1.72 -4.36
CA GLY A 743 40.27 -2.16 -4.34
C GLY A 743 41.10 -1.30 -5.29
N ALA A 744 42.34 -1.73 -5.48
CA ALA A 744 43.25 -1.07 -6.41
C ALA A 744 43.23 -1.86 -7.72
N THR A 745 42.40 -1.41 -8.65
CA THR A 745 42.35 -1.99 -9.99
C THR A 745 42.32 -0.88 -11.03
N ASN A 746 42.12 -1.23 -12.28
CA ASN A 746 41.82 -0.28 -13.33
C ASN A 746 40.45 -0.68 -13.89
N PRO A 747 39.78 0.13 -14.70
CA PRO A 747 38.40 -0.25 -15.09
C PRO A 747 38.34 -1.51 -15.92
N LYS A 748 39.36 -1.78 -16.72
CA LYS A 748 39.30 -2.93 -17.63
C LYS A 748 39.46 -4.24 -16.87
N ASN A 749 40.39 -4.31 -15.92
CA ASN A 749 40.50 -5.54 -15.14
C ASN A 749 39.30 -5.75 -14.23
N PHE A 750 38.85 -4.70 -13.55
CA PHE A 750 37.66 -4.82 -12.73
C PHE A 750 36.43 -5.22 -13.54
N ASN A 751 36.43 -4.91 -14.84
CA ASN A 751 35.37 -5.41 -15.71
C ASN A 751 35.65 -6.86 -16.12
N GLU A 752 36.88 -7.16 -16.52
CA GLU A 752 37.24 -8.54 -16.84
C GLU A 752 37.02 -9.46 -15.66
N THR A 753 37.40 -9.00 -14.46
CA THR A 753 37.13 -9.79 -13.24
C THR A 753 35.64 -10.04 -13.07
N PHE A 754 34.82 -9.03 -13.35
CA PHE A 754 33.38 -9.20 -13.23
C PHE A 754 32.84 -10.21 -14.22
N LEU A 755 33.39 -10.21 -15.44
CA LEU A 755 32.97 -11.21 -16.44
C LEU A 755 33.39 -12.61 -16.03
N LYS A 756 34.59 -12.77 -15.47
CA LYS A 756 35.04 -14.10 -15.04
C LYS A 756 34.21 -14.62 -13.87
N ARG A 757 33.80 -13.73 -12.95
CA ARG A 757 32.97 -14.16 -11.82
C ARG A 757 31.58 -14.57 -12.26
N ASN A 758 31.06 -13.98 -13.34
CA ASN A 758 29.64 -14.07 -13.66
C ASN A 758 29.41 -14.56 -15.09
N SER A 759 30.36 -15.31 -15.65
CA SER A 759 30.34 -15.63 -17.08
C SER A 759 29.16 -16.51 -17.49
N ASP A 760 28.47 -17.15 -16.56
CA ASP A 760 27.38 -18.05 -16.90
C ASP A 760 26.01 -17.38 -16.88
N SER A 761 25.93 -16.08 -16.55
CA SER A 761 24.67 -15.34 -16.47
C SER A 761 24.63 -14.31 -17.59
N LEU A 762 23.68 -14.47 -18.51
CA LEU A 762 23.59 -13.56 -19.65
C LEU A 762 23.36 -12.10 -19.26
N PRO A 763 22.48 -11.75 -18.31
CA PRO A 763 22.40 -10.35 -17.88
C PRO A 763 23.74 -9.77 -17.47
N HIS A 764 24.61 -10.60 -16.87
CA HIS A 764 25.94 -10.14 -16.48
C HIS A 764 26.88 -10.06 -17.66
N ARG A 765 26.71 -10.93 -18.66
CA ARG A 765 27.52 -10.82 -19.86
C ARG A 765 27.20 -9.55 -20.63
N LEU A 766 25.91 -9.26 -20.81
CA LEU A 766 25.53 -8.06 -21.54
C LEU A 766 26.02 -6.81 -20.83
N SER A 767 26.01 -6.81 -19.49
CA SER A 767 26.49 -5.65 -18.76
C SER A 767 28.00 -5.53 -18.73
N ALA A 768 28.73 -6.57 -19.14
CA ALA A 768 30.16 -6.45 -19.34
C ALA A 768 30.49 -6.07 -20.78
N ALA A 769 29.83 -6.74 -21.74
CA ALA A 769 29.98 -6.40 -23.15
C ALA A 769 29.55 -4.97 -23.43
N LYS A 770 28.72 -4.38 -22.58
CA LYS A 770 28.43 -2.95 -22.70
C LYS A 770 29.59 -2.11 -22.19
N MET A 771 30.35 -2.63 -21.21
CA MET A 771 31.42 -1.86 -20.60
C MET A 771 32.77 -2.05 -21.27
N VAL A 772 32.98 -3.15 -22.00
CA VAL A 772 34.19 -3.26 -22.79
C VAL A 772 34.16 -2.27 -23.94
N TYR A 773 32.96 -1.89 -24.39
CA TYR A 773 32.83 -0.86 -25.40
C TYR A 773 32.88 0.54 -24.78
N TYR A 774 32.36 0.70 -23.57
CA TYR A 774 32.47 2.00 -22.89
C TYR A 774 33.92 2.31 -22.54
N LEU A 775 34.74 1.29 -22.30
CA LEU A 775 36.14 1.50 -21.94
C LEU A 775 37.07 1.47 -23.16
N ASP A 776 36.84 0.54 -24.07
CA ASP A 776 37.68 0.37 -25.27
C ASP A 776 36.77 0.20 -26.47
N PRO A 777 36.30 1.31 -27.06
CA PRO A 777 35.37 1.19 -28.20
C PRO A 777 35.89 0.39 -29.38
N SER A 778 37.19 0.10 -29.44
CA SER A 778 37.75 -0.71 -30.52
C SER A 778 37.46 -2.19 -30.37
N SER A 779 36.85 -2.61 -29.26
CA SER A 779 36.54 -4.02 -29.01
C SER A 779 35.09 -4.35 -29.35
N GLN A 780 34.53 -3.69 -30.36
CA GLN A 780 33.13 -3.91 -30.72
C GLN A 780 32.88 -5.37 -31.10
N LYS A 781 33.85 -6.01 -31.75
CA LYS A 781 33.67 -7.40 -32.14
C LYS A 781 33.71 -8.34 -30.94
N ARG A 782 34.57 -8.05 -29.96
CA ARG A 782 34.53 -8.81 -28.71
C ARG A 782 33.21 -8.58 -27.98
N ALA A 783 32.79 -7.32 -27.86
CA ALA A 783 31.55 -6.98 -27.17
C ALA A 783 30.36 -7.74 -27.75
N ILE A 784 30.20 -7.68 -29.08
CA ILE A 784 29.11 -8.41 -29.71
C ILE A 784 29.29 -9.91 -29.55
N GLU A 785 30.55 -10.38 -29.53
CA GLU A 785 30.78 -11.81 -29.35
C GLU A 785 30.45 -12.26 -27.93
N LEU A 786 30.58 -11.37 -26.95
CA LEU A 786 30.30 -11.73 -25.56
C LEU A 786 28.81 -11.86 -25.31
N ALA A 787 28.03 -10.86 -25.70
CA ALA A 787 26.61 -10.77 -25.35
C ALA A 787 25.67 -11.55 -26.25
N THR A 788 26.18 -12.37 -27.16
CA THR A 788 25.34 -13.12 -28.09
C THR A 788 25.28 -14.61 -27.79
N THR A 789 26.02 -15.08 -26.78
CA THR A 789 26.07 -16.51 -26.45
C THR A 789 24.66 -17.01 -26.25
N LEU A 790 24.31 -18.08 -26.96
CA LEU A 790 23.02 -18.74 -26.81
C LEU A 790 23.17 -20.15 -26.23
N ASP A 791 24.29 -20.42 -25.57
CA ASP A 791 24.49 -21.68 -24.88
C ASP A 791 23.41 -21.88 -23.83
N GLU A 792 22.61 -22.94 -23.97
CA GLU A 792 21.49 -23.17 -23.06
C GLU A 792 21.96 -23.37 -21.62
N SER A 793 23.22 -23.78 -21.42
CA SER A 793 23.78 -23.89 -20.08
C SER A 793 23.77 -22.57 -19.33
N LEU A 794 23.65 -21.44 -20.04
CA LEU A 794 23.61 -20.12 -19.43
C LEU A 794 22.45 -20.00 -18.46
N THR A 795 22.62 -19.12 -17.48
CA THR A 795 21.53 -18.73 -16.60
C THR A 795 20.84 -17.51 -17.18
N ASN A 796 19.50 -17.53 -17.17
CA ASN A 796 18.69 -16.43 -17.67
C ASN A 796 18.96 -16.13 -19.15
N ARG A 797 19.14 -17.18 -19.94
CA ARG A 797 18.96 -17.08 -21.39
C ARG A 797 17.47 -17.21 -21.66
N ASN A 798 16.74 -16.19 -21.25
CA ASN A 798 15.29 -16.16 -21.32
C ASN A 798 14.84 -15.17 -22.38
N LEU A 799 13.53 -14.90 -22.41
CA LEU A 799 13.00 -13.98 -23.42
C LEU A 799 13.42 -12.54 -23.14
N GLN A 800 13.29 -12.10 -21.90
CA GLN A 800 13.53 -10.69 -21.58
C GLN A 800 14.99 -10.32 -21.77
N THR A 801 15.92 -11.16 -21.31
CA THR A 801 17.33 -10.84 -21.44
C THR A 801 17.74 -10.79 -22.91
N CYS A 802 17.21 -11.71 -23.73
CA CYS A 802 17.52 -11.68 -25.16
C CYS A 802 17.01 -10.41 -25.80
N MET A 803 15.79 -9.98 -25.44
CA MET A 803 15.27 -8.71 -25.94
C MET A 803 16.16 -7.55 -25.55
N GLU A 804 16.75 -7.61 -24.36
CA GLU A 804 17.67 -6.56 -23.93
C GLU A 804 18.94 -6.56 -24.79
N VAL A 805 19.43 -7.75 -25.15
CA VAL A 805 20.62 -7.83 -25.99
C VAL A 805 20.33 -7.24 -27.37
N LEU A 806 19.23 -7.68 -28.00
CA LEU A 806 18.85 -7.13 -29.29
C LEU A 806 18.61 -5.63 -29.18
N GLU A 807 17.94 -5.19 -28.10
CA GLU A 807 17.80 -3.77 -27.83
C GLU A 807 19.17 -3.09 -27.79
N ALA A 808 20.10 -3.66 -27.01
CA ALA A 808 21.43 -3.08 -26.87
C ALA A 808 22.15 -2.94 -28.21
N LEU A 809 22.00 -3.94 -29.08
CA LEU A 809 22.57 -3.85 -30.43
C LEU A 809 21.91 -2.71 -31.22
N TYR A 810 20.59 -2.63 -31.17
CA TYR A 810 19.87 -1.54 -31.82
C TYR A 810 20.08 -0.22 -31.07
N ASP A 811 20.23 -0.29 -29.74
CA ASP A 811 20.45 0.90 -28.92
C ASP A 811 21.76 1.61 -29.25
N GLY A 812 22.73 0.90 -29.81
CA GLY A 812 24.07 1.43 -29.96
C GLY A 812 24.89 1.41 -28.69
N SER A 813 24.37 0.83 -27.60
CA SER A 813 25.18 0.64 -26.39
C SER A 813 26.38 -0.22 -26.68
N LEU A 814 26.27 -1.14 -27.65
CA LEU A 814 27.39 -1.91 -28.14
C LEU A 814 27.94 -1.34 -29.43
N GLY A 815 27.59 -0.10 -29.77
CA GLY A 815 28.01 0.48 -31.02
C GLY A 815 27.07 0.10 -32.14
N ASP A 816 27.50 0.42 -33.36
CA ASP A 816 26.69 0.17 -34.55
C ASP A 816 26.89 -1.27 -34.98
N CYS A 817 25.82 -2.08 -34.90
CA CYS A 817 25.84 -3.48 -35.31
C CYS A 817 24.66 -3.77 -36.24
N LYS A 818 24.55 -2.98 -37.31
CA LYS A 818 23.51 -3.24 -38.30
C LYS A 818 23.62 -4.65 -38.86
N GLU A 819 24.83 -5.07 -39.21
CA GLU A 819 25.01 -6.41 -39.77
C GLU A 819 24.82 -7.49 -38.72
N ALA A 820 25.13 -7.19 -37.45
CA ALA A 820 25.15 -8.21 -36.43
C ALA A 820 23.78 -8.42 -35.78
N ALA A 821 22.99 -7.35 -35.63
CA ALA A 821 21.70 -7.48 -34.96
C ALA A 821 20.79 -8.45 -35.69
N GLU A 822 20.86 -8.51 -37.02
CA GLU A 822 20.02 -9.43 -37.78
C GLU A 822 20.26 -10.87 -37.36
N ILE A 823 21.52 -11.26 -37.18
CA ILE A 823 21.84 -12.63 -36.83
C ILE A 823 21.26 -12.99 -35.46
N TYR A 824 21.39 -12.07 -34.50
CA TYR A 824 20.79 -12.29 -33.19
C TYR A 824 19.27 -12.27 -33.24
N ARG A 825 18.68 -11.53 -34.18
CA ARG A 825 17.23 -11.46 -34.27
C ARG A 825 16.64 -12.75 -34.82
N ALA A 826 17.23 -13.29 -35.89
CA ALA A 826 16.72 -14.52 -36.49
C ALA A 826 17.09 -15.75 -35.68
N ASN A 827 18.11 -15.67 -34.82
CA ASN A 827 18.44 -16.80 -33.96
C ASN A 827 17.56 -16.83 -32.72
N CYS A 828 17.26 -15.66 -32.15
CA CYS A 828 16.32 -15.62 -31.04
C CYS A 828 14.92 -16.00 -31.46
N HIS A 829 14.53 -15.65 -32.70
CA HIS A 829 13.24 -16.08 -33.23
C HIS A 829 13.15 -17.60 -33.28
N LYS A 830 14.29 -18.29 -33.39
CA LYS A 830 14.29 -19.75 -33.36
C LYS A 830 13.89 -20.28 -31.99
N LEU A 831 14.17 -19.53 -30.92
CA LEU A 831 13.92 -19.99 -29.56
C LEU A 831 12.61 -19.45 -28.98
N PHE A 832 12.10 -18.34 -29.50
CA PHE A 832 10.80 -17.78 -29.09
C PHE A 832 10.01 -17.52 -30.36
N PRO A 833 9.50 -18.58 -30.99
CA PRO A 833 8.86 -18.42 -32.30
C PRO A 833 7.63 -17.55 -32.28
N TYR A 834 7.02 -17.35 -31.11
CA TYR A 834 5.87 -16.48 -30.96
C TYR A 834 6.25 -15.08 -30.53
N ALA A 835 7.55 -14.76 -30.49
CA ALA A 835 8.01 -13.46 -30.00
C ALA A 835 7.93 -12.42 -31.12
N LEU A 836 7.20 -11.33 -30.86
CA LEU A 836 7.09 -10.25 -31.84
C LEU A 836 8.43 -9.56 -32.06
N ALA A 837 9.19 -9.33 -30.99
CA ALA A 837 10.45 -8.59 -31.08
C ALA A 837 11.46 -9.27 -32.00
N PHE A 838 11.25 -10.55 -32.31
CA PHE A 838 12.17 -11.30 -33.17
C PHE A 838 11.54 -11.69 -34.50
N MET A 839 10.35 -11.15 -34.82
CA MET A 839 9.74 -11.43 -36.10
C MET A 839 10.53 -10.74 -37.22
N PRO A 840 10.71 -11.41 -38.35
CA PRO A 840 11.39 -10.77 -39.49
C PRO A 840 10.62 -9.53 -39.93
N PRO A 841 11.33 -8.41 -40.19
CA PRO A 841 10.87 -7.03 -40.36
C PRO A 841 9.37 -6.79 -40.14
N MET B 2 -6.43 -19.81 -0.06
CA MET B 2 -6.32 -18.38 0.13
C MET B 2 -6.41 -18.04 1.61
N ASN B 3 -5.53 -17.16 2.08
CA ASN B 3 -5.57 -16.71 3.46
C ASN B 3 -6.71 -15.71 3.67
N ILE B 4 -7.50 -15.93 4.72
CA ILE B 4 -8.58 -15.04 5.14
C ILE B 4 -8.19 -14.43 6.48
N ARG B 5 -8.27 -13.10 6.56
CA ARG B 5 -7.84 -12.42 7.77
C ARG B 5 -8.45 -11.03 7.82
N ASN B 6 -8.45 -10.45 9.02
CA ASN B 6 -8.98 -9.10 9.20
C ASN B 6 -8.17 -8.10 8.38
N ALA B 7 -8.87 -7.09 7.85
CA ALA B 7 -8.23 -6.07 7.02
C ALA B 7 -7.75 -4.93 7.90
N ARG B 8 -6.45 -4.63 7.79
CA ARG B 8 -5.78 -3.53 8.46
C ARG B 8 -5.60 -2.36 7.50
N PRO B 9 -5.34 -1.14 8.01
CA PRO B 9 -5.09 -0.01 7.10
C PRO B 9 -4.06 -0.29 6.03
N GLU B 10 -3.04 -1.08 6.34
CA GLU B 10 -2.01 -1.47 5.38
C GLU B 10 -2.59 -2.15 4.15
N ASP B 11 -3.82 -2.67 4.23
CA ASP B 11 -4.41 -3.44 3.15
C ASP B 11 -5.31 -2.63 2.24
N LEU B 12 -5.75 -1.44 2.67
CA LEU B 12 -6.89 -0.77 2.03
C LEU B 12 -6.60 -0.34 0.61
N MET B 13 -5.34 0.00 0.29
CA MET B 13 -5.03 0.42 -1.07
C MET B 13 -5.10 -0.74 -2.06
N ASN B 14 -4.77 -1.95 -1.61
CA ASN B 14 -4.96 -3.13 -2.45
C ASN B 14 -6.41 -3.55 -2.50
N MET B 15 -7.19 -3.23 -1.46
CA MET B 15 -8.63 -3.46 -1.50
C MET B 15 -9.29 -2.59 -2.56
N GLN B 16 -8.94 -1.30 -2.57
CA GLN B 16 -9.45 -0.39 -3.59
C GLN B 16 -9.06 -0.86 -4.99
N HIS B 17 -7.89 -1.49 -5.13
CA HIS B 17 -7.49 -2.02 -6.43
C HIS B 17 -8.40 -3.17 -6.85
N CYS B 18 -8.75 -4.05 -5.92
CA CYS B 18 -9.67 -5.13 -6.24
C CYS B 18 -11.06 -4.58 -6.58
N ASN B 19 -11.53 -3.60 -5.80
CA ASN B 19 -12.78 -2.93 -6.10
C ASN B 19 -12.83 -2.44 -7.54
N LEU B 20 -11.91 -1.54 -7.91
CA LEU B 20 -11.90 -0.95 -9.24
C LEU B 20 -11.67 -1.98 -10.34
N LEU B 21 -11.29 -3.20 -10.00
CA LEU B 21 -11.14 -4.25 -10.99
C LEU B 21 -12.44 -4.99 -11.25
N CYS B 22 -13.25 -5.20 -10.20
CA CYS B 22 -14.38 -6.11 -10.27
C CYS B 22 -15.74 -5.44 -10.21
N LEU B 23 -15.86 -4.28 -9.56
CA LEU B 23 -17.17 -3.68 -9.36
C LEU B 23 -17.28 -2.32 -10.04
N PRO B 24 -18.47 -1.98 -10.55
CA PRO B 24 -18.72 -0.59 -10.98
C PRO B 24 -18.98 0.36 -9.83
N GLU B 25 -19.25 -0.14 -8.64
CA GLU B 25 -19.48 0.69 -7.45
C GLU B 25 -18.11 0.93 -6.82
N ASN B 26 -17.57 2.12 -7.03
CA ASN B 26 -16.22 2.44 -6.59
C ASN B 26 -16.23 3.61 -5.61
N TYR B 27 -15.21 3.66 -4.76
CA TYR B 27 -15.16 4.60 -3.65
C TYR B 27 -13.79 5.23 -3.54
N GLN B 28 -13.73 6.32 -2.78
CA GLN B 28 -12.50 7.01 -2.45
C GLN B 28 -11.79 6.34 -1.28
N MET B 29 -10.49 6.62 -1.16
CA MET B 29 -9.69 6.00 -0.11
C MET B 29 -10.10 6.53 1.26
N LYS B 30 -10.39 7.83 1.37
CA LYS B 30 -10.83 8.36 2.65
C LYS B 30 -12.06 7.64 3.17
N TYR B 31 -12.87 7.08 2.27
CA TYR B 31 -13.96 6.21 2.67
C TYR B 31 -13.44 4.86 3.19
N TYR B 32 -12.45 4.28 2.51
CA TYR B 32 -11.83 3.06 3.00
C TYR B 32 -11.23 3.27 4.38
N PHE B 33 -10.68 4.46 4.64
CA PHE B 33 -10.23 4.79 5.99
C PHE B 33 -11.40 4.86 6.95
N TYR B 34 -12.52 5.45 6.50
CA TYR B 34 -13.69 5.60 7.37
C TYR B 34 -14.20 4.26 7.88
N HIS B 35 -14.00 3.18 7.11
CA HIS B 35 -14.38 1.85 7.58
C HIS B 35 -13.35 1.30 8.56
N GLY B 36 -12.09 1.21 8.12
CA GLY B 36 -11.05 0.59 8.92
C GLY B 36 -10.72 1.32 10.20
N LEU B 37 -11.14 2.59 10.32
CA LEU B 37 -10.88 3.38 11.52
C LEU B 37 -12.13 3.63 12.35
N SER B 38 -13.29 3.16 11.91
CA SER B 38 -14.52 3.21 12.71
C SER B 38 -14.99 1.85 13.17
N TRP B 39 -14.92 0.84 12.29
CA TRP B 39 -15.28 -0.53 12.63
C TRP B 39 -14.20 -1.46 12.08
N PRO B 40 -13.02 -1.46 12.71
CA PRO B 40 -11.90 -2.23 12.14
C PRO B 40 -12.10 -3.73 12.17
N GLN B 41 -12.86 -4.25 13.15
CA GLN B 41 -13.05 -5.69 13.27
C GLN B 41 -13.90 -6.28 12.15
N LEU B 42 -14.52 -5.45 11.32
CA LEU B 42 -15.60 -5.88 10.43
C LEU B 42 -15.11 -6.29 9.04
N SER B 43 -14.20 -5.54 8.45
CA SER B 43 -13.76 -5.80 7.08
C SER B 43 -12.70 -6.90 7.05
N TYR B 44 -12.79 -7.77 6.05
CA TYR B 44 -11.90 -8.91 5.90
C TYR B 44 -11.44 -9.00 4.44
N ILE B 45 -10.31 -9.67 4.23
CA ILE B 45 -9.77 -9.85 2.87
C ILE B 45 -9.37 -11.30 2.67
N ALA B 46 -9.30 -11.71 1.41
CA ALA B 46 -8.76 -13.00 1.00
C ALA B 46 -7.51 -12.75 0.18
N GLU B 47 -6.36 -13.20 0.67
CA GLU B 47 -5.08 -12.84 0.09
C GLU B 47 -4.35 -14.04 -0.48
N ASP B 48 -3.52 -13.77 -1.48
CA ASP B 48 -2.66 -14.74 -2.12
C ASP B 48 -1.47 -15.06 -1.22
N GLU B 49 -0.65 -16.03 -1.65
CA GLU B 49 0.66 -16.21 -1.04
C GLU B 49 1.50 -14.95 -1.16
N ASN B 50 1.33 -14.22 -2.27
CA ASN B 50 2.11 -13.03 -2.59
C ASN B 50 1.47 -11.76 -2.05
N GLY B 51 0.52 -11.87 -1.12
CA GLY B 51 -0.16 -10.70 -0.60
C GLY B 51 -1.13 -10.05 -1.54
N LYS B 52 -1.42 -10.67 -2.67
CA LYS B 52 -2.35 -10.11 -3.65
C LYS B 52 -3.78 -10.39 -3.19
N ILE B 53 -4.49 -9.35 -2.76
CA ILE B 53 -5.89 -9.49 -2.39
C ILE B 53 -6.68 -10.00 -3.59
N VAL B 54 -7.43 -11.08 -3.38
CA VAL B 54 -8.28 -11.62 -4.43
C VAL B 54 -9.76 -11.41 -4.14
N GLY B 55 -10.16 -11.34 -2.88
CA GLY B 55 -11.53 -11.02 -2.53
C GLY B 55 -11.53 -10.18 -1.28
N TYR B 56 -12.58 -9.38 -1.12
CA TYR B 56 -12.68 -8.52 0.04
C TYR B 56 -14.12 -8.40 0.50
N VAL B 57 -14.26 -7.90 1.72
CA VAL B 57 -15.53 -7.47 2.28
C VAL B 57 -15.30 -6.15 3.00
N LEU B 58 -16.07 -5.14 2.64
CA LEU B 58 -16.02 -3.84 3.30
C LEU B 58 -17.33 -3.71 4.11
N ALA B 59 -17.23 -3.95 5.41
CA ALA B 59 -18.40 -4.00 6.26
C ALA B 59 -18.51 -2.75 7.11
N LYS B 60 -19.71 -2.53 7.66
CA LYS B 60 -20.05 -1.30 8.33
C LYS B 60 -21.20 -1.57 9.29
N MET B 61 -21.22 -0.85 10.41
CA MET B 61 -22.36 -0.83 11.31
C MET B 61 -23.22 0.38 10.97
N GLU B 62 -24.39 0.14 10.39
CA GLU B 62 -25.30 1.24 10.08
C GLU B 62 -25.85 1.84 11.37
N GLU B 63 -25.88 3.17 11.43
CA GLU B 63 -26.25 3.90 12.65
C GLU B 63 -27.72 4.29 12.56
N ASP B 64 -28.57 3.49 13.19
CA ASP B 64 -30.00 3.79 13.31
C ASP B 64 -30.38 3.71 14.77
N PRO B 65 -30.72 4.83 15.42
CA PRO B 65 -31.17 4.75 16.82
C PRO B 65 -32.62 4.33 16.96
N ASP B 66 -33.41 4.41 15.88
CA ASP B 66 -34.82 4.05 15.96
C ASP B 66 -35.01 2.56 16.21
N ASP B 67 -34.12 1.71 15.71
CA ASP B 67 -34.29 0.27 15.87
C ASP B 67 -33.01 -0.40 16.35
N VAL B 68 -32.97 -1.73 16.24
CA VAL B 68 -31.87 -2.54 16.72
C VAL B 68 -30.60 -2.26 15.92
N PRO B 69 -29.42 -2.48 16.48
CA PRO B 69 -28.19 -2.31 15.70
C PRO B 69 -28.06 -3.39 14.65
N HIS B 70 -27.56 -3.00 13.48
CA HIS B 70 -27.43 -3.91 12.36
C HIS B 70 -26.22 -3.53 11.53
N GLY B 71 -25.71 -4.50 10.79
CA GLY B 71 -24.58 -4.29 9.92
C GLY B 71 -24.97 -4.11 8.46
N HIS B 72 -24.04 -3.57 7.69
CA HIS B 72 -24.26 -3.33 6.27
C HIS B 72 -22.95 -3.66 5.55
N ILE B 73 -23.04 -4.45 4.49
CA ILE B 73 -21.90 -4.65 3.61
C ILE B 73 -21.85 -3.46 2.66
N THR B 74 -20.80 -2.65 2.79
CA THR B 74 -20.62 -1.52 1.88
C THR B 74 -20.16 -2.00 0.51
N SER B 75 -19.31 -3.02 0.47
CA SER B 75 -18.93 -3.63 -0.79
C SER B 75 -18.36 -5.01 -0.52
N LEU B 76 -18.54 -5.90 -1.50
CA LEU B 76 -18.00 -7.25 -1.47
C LEU B 76 -17.79 -7.69 -2.90
N ALA B 77 -16.62 -8.28 -3.17
CA ALA B 77 -16.29 -8.75 -4.50
C ALA B 77 -15.18 -9.78 -4.41
N VAL B 78 -15.19 -10.71 -5.36
CA VAL B 78 -14.16 -11.72 -5.50
C VAL B 78 -13.77 -11.78 -6.97
N LYS B 79 -12.46 -11.87 -7.23
CA LYS B 79 -11.99 -12.02 -8.61
C LYS B 79 -12.63 -13.23 -9.25
N ARG B 80 -12.96 -13.10 -10.54
CA ARG B 80 -13.48 -14.24 -11.28
C ARG B 80 -12.49 -15.40 -11.31
N SER B 81 -11.20 -15.09 -11.26
CA SER B 81 -10.17 -16.12 -11.25
C SER B 81 -10.23 -17.01 -10.01
N HIS B 82 -11.08 -16.68 -9.03
CA HIS B 82 -11.08 -17.38 -7.76
C HIS B 82 -12.50 -17.81 -7.35
N ARG B 83 -13.33 -18.18 -8.31
CA ARG B 83 -14.65 -18.71 -7.99
C ARG B 83 -14.54 -20.18 -7.60
N ARG B 84 -15.66 -20.76 -7.17
CA ARG B 84 -15.73 -22.14 -6.69
C ARG B 84 -14.80 -22.39 -5.50
N LEU B 85 -14.45 -21.34 -4.77
CA LEU B 85 -13.64 -21.44 -3.56
C LEU B 85 -14.39 -20.99 -2.32
N GLY B 86 -15.66 -20.60 -2.43
CA GLY B 86 -16.43 -20.16 -1.29
C GLY B 86 -15.88 -18.95 -0.57
N LEU B 87 -15.02 -18.18 -1.23
CA LEU B 87 -14.46 -16.98 -0.59
C LEU B 87 -15.56 -15.99 -0.22
N ALA B 88 -16.57 -15.85 -1.08
CA ALA B 88 -17.71 -15.01 -0.76
C ALA B 88 -18.38 -15.46 0.54
N GLN B 89 -18.61 -16.76 0.67
CA GLN B 89 -19.23 -17.29 1.88
C GLN B 89 -18.31 -17.14 3.09
N LYS B 90 -17.08 -17.62 2.99
CA LYS B 90 -16.15 -17.57 4.11
C LYS B 90 -15.94 -16.13 4.58
N LEU B 91 -15.93 -15.17 3.65
CA LEU B 91 -15.73 -13.76 4.00
C LEU B 91 -16.95 -13.16 4.69
N MET B 92 -18.15 -13.44 4.15
CA MET B 92 -19.36 -12.94 4.77
C MET B 92 -19.53 -13.50 6.19
N ASP B 93 -19.10 -14.74 6.42
CA ASP B 93 -19.25 -15.35 7.74
C ASP B 93 -18.36 -14.66 8.76
N GLN B 94 -17.09 -14.42 8.41
CA GLN B 94 -16.16 -13.78 9.34
C GLN B 94 -16.59 -12.36 9.67
N ALA B 95 -17.09 -11.63 8.69
CA ALA B 95 -17.56 -10.27 8.94
C ALA B 95 -18.82 -10.26 9.79
N SER B 96 -19.76 -11.18 9.52
CA SER B 96 -21.01 -11.23 10.27
C SER B 96 -20.75 -11.47 11.76
N ARG B 97 -19.93 -12.47 12.06
CA ARG B 97 -19.57 -12.75 13.45
C ARG B 97 -18.98 -11.52 14.13
N ALA B 98 -18.08 -10.82 13.45
CA ALA B 98 -17.47 -9.62 14.02
C ALA B 98 -18.51 -8.56 14.33
N MET B 99 -19.59 -8.51 13.55
CA MET B 99 -20.66 -7.57 13.85
C MET B 99 -21.34 -7.91 15.17
N ILE B 100 -21.40 -9.19 15.51
CA ILE B 100 -22.03 -9.61 16.77
C ILE B 100 -21.11 -9.35 17.96
N GLU B 101 -19.86 -9.80 17.87
CA GLU B 101 -18.94 -9.72 19.02
C GLU B 101 -18.82 -8.29 19.52
N ASN B 102 -18.73 -7.33 18.62
CA ASN B 102 -18.31 -5.98 18.96
C ASN B 102 -19.50 -5.06 19.23
N PHE B 103 -20.51 -5.09 18.36
CA PHE B 103 -21.61 -4.15 18.43
C PHE B 103 -22.97 -4.82 18.67
N ASN B 104 -22.98 -6.08 19.07
CA ASN B 104 -24.21 -6.81 19.40
C ASN B 104 -25.21 -6.76 18.23
N ALA B 105 -24.69 -6.82 17.00
CA ALA B 105 -25.52 -6.65 15.82
C ALA B 105 -26.61 -7.72 15.75
N LYS B 106 -27.70 -7.39 15.08
CA LYS B 106 -28.88 -8.25 14.99
C LYS B 106 -29.08 -8.84 13.61
N TYR B 107 -28.96 -8.05 12.56
CA TYR B 107 -29.02 -8.57 11.20
C TYR B 107 -27.92 -7.91 10.39
N VAL B 108 -27.96 -8.09 9.06
CA VAL B 108 -27.00 -7.48 8.15
C VAL B 108 -27.62 -7.32 6.77
N SER B 109 -27.38 -6.17 6.15
CA SER B 109 -28.04 -5.76 4.92
C SER B 109 -27.07 -5.59 3.75
N LEU B 110 -27.65 -5.56 2.55
CA LEU B 110 -26.87 -5.40 1.34
C LEU B 110 -27.84 -5.06 0.22
N HIS B 111 -27.29 -4.65 -0.91
CA HIS B 111 -28.05 -4.32 -2.11
C HIS B 111 -27.38 -5.08 -3.25
N VAL B 112 -28.15 -5.54 -4.23
CA VAL B 112 -27.52 -6.34 -5.30
C VAL B 112 -28.35 -6.13 -6.57
N ARG B 113 -27.68 -6.23 -7.72
CA ARG B 113 -28.36 -6.15 -9.00
C ARG B 113 -29.30 -7.34 -9.16
N LYS B 114 -30.54 -7.06 -9.60
CA LYS B 114 -31.46 -8.17 -9.82
C LYS B 114 -31.06 -9.03 -11.01
N SER B 115 -30.30 -8.47 -11.96
CA SER B 115 -29.82 -9.26 -13.09
C SER B 115 -28.74 -10.25 -12.69
N ASN B 116 -28.14 -10.07 -11.50
CA ASN B 116 -27.13 -10.99 -11.00
C ASN B 116 -27.82 -12.01 -10.11
N ARG B 117 -28.36 -13.05 -10.74
CA ARG B 117 -29.04 -14.10 -9.99
C ARG B 117 -28.05 -14.98 -9.24
N ALA B 118 -26.92 -15.30 -9.88
CA ALA B 118 -25.94 -16.20 -9.27
C ALA B 118 -25.47 -15.67 -7.92
N ALA B 119 -25.05 -14.40 -7.87
CA ALA B 119 -24.69 -13.78 -6.60
C ALA B 119 -25.90 -13.76 -5.65
N LEU B 120 -27.05 -13.30 -6.15
CA LEU B 120 -28.29 -13.34 -5.36
C LEU B 120 -28.57 -14.74 -4.83
N HIS B 121 -28.39 -15.77 -5.66
CA HIS B 121 -28.67 -17.13 -5.24
C HIS B 121 -27.72 -17.58 -4.14
N LEU B 122 -26.45 -17.14 -4.21
CA LEU B 122 -25.50 -17.43 -3.14
C LEU B 122 -25.98 -16.82 -1.82
N TYR B 123 -26.37 -15.53 -1.85
CA TYR B 123 -26.96 -14.93 -0.66
C TYR B 123 -28.23 -15.66 -0.24
N SER B 124 -29.06 -16.06 -1.21
CA SER B 124 -30.39 -16.58 -0.89
C SER B 124 -30.31 -17.97 -0.28
N ASN B 125 -29.52 -18.86 -0.88
CA ASN B 125 -29.46 -20.24 -0.42
C ASN B 125 -28.27 -20.51 0.50
N THR B 126 -27.07 -20.07 0.10
CA THR B 126 -25.88 -20.43 0.87
C THR B 126 -25.79 -19.65 2.18
N LEU B 127 -26.14 -18.37 2.17
CA LEU B 127 -25.95 -17.51 3.33
C LEU B 127 -27.26 -17.03 3.96
N ASN B 128 -28.40 -17.62 3.59
CA ASN B 128 -29.70 -17.34 4.21
C ASN B 128 -30.07 -15.86 4.16
N PHE B 129 -29.67 -15.16 3.09
CA PHE B 129 -30.06 -13.77 2.91
C PHE B 129 -31.45 -13.72 2.31
N GLN B 130 -32.36 -13.03 2.99
CA GLN B 130 -33.75 -12.91 2.57
C GLN B 130 -34.00 -11.49 2.08
N ILE B 131 -34.74 -11.36 0.98
CA ILE B 131 -35.08 -10.06 0.44
C ILE B 131 -36.01 -9.34 1.40
N SER B 132 -35.73 -8.05 1.64
CA SER B 132 -36.56 -7.25 2.52
C SER B 132 -37.35 -6.17 1.81
N GLU B 133 -36.98 -5.83 0.57
CA GLU B 133 -37.57 -4.71 -0.15
C GLU B 133 -36.98 -4.70 -1.55
N VAL B 134 -37.62 -3.97 -2.45
CA VAL B 134 -37.09 -3.71 -3.78
C VAL B 134 -36.90 -2.20 -3.90
N GLU B 135 -35.64 -1.78 -4.04
CA GLU B 135 -35.32 -0.37 -4.21
C GLU B 135 -34.95 -0.13 -5.66
N PRO B 136 -35.81 0.48 -6.46
CA PRO B 136 -35.61 0.50 -7.91
C PRO B 136 -34.64 1.58 -8.37
N LYS B 137 -33.93 1.25 -9.45
CA LYS B 137 -32.92 2.13 -10.04
C LYS B 137 -31.92 2.60 -8.99
N TYR B 138 -31.55 1.69 -8.09
CA TYR B 138 -30.61 2.03 -7.03
C TYR B 138 -29.23 2.39 -7.60
N TYR B 139 -28.77 1.62 -8.59
CA TYR B 139 -27.46 1.88 -9.19
C TYR B 139 -27.54 2.94 -10.28
N ALA B 140 -26.37 3.48 -10.63
CA ALA B 140 -26.30 4.50 -11.68
C ALA B 140 -26.87 3.99 -12.99
N ASP B 141 -26.69 2.70 -13.28
CA ASP B 141 -27.24 2.08 -14.49
C ASP B 141 -28.76 2.18 -14.54
N GLY B 142 -29.37 2.69 -13.48
CA GLY B 142 -30.82 2.69 -13.41
C GLY B 142 -31.39 1.33 -13.15
N GLU B 143 -30.60 0.42 -12.58
CA GLU B 143 -31.06 -0.94 -12.32
C GLU B 143 -31.61 -1.05 -10.90
N ASP B 144 -32.68 -1.82 -10.76
CA ASP B 144 -33.32 -2.02 -9.46
C ASP B 144 -32.47 -2.96 -8.61
N ALA B 145 -32.30 -2.63 -7.34
CA ALA B 145 -31.51 -3.43 -6.43
C ALA B 145 -32.39 -4.02 -5.34
N TYR B 146 -32.16 -5.30 -5.06
CA TYR B 146 -32.84 -5.95 -3.94
C TYR B 146 -32.11 -5.61 -2.64
N ALA B 147 -32.88 -5.19 -1.64
CA ALA B 147 -32.33 -4.84 -0.33
C ALA B 147 -32.47 -6.07 0.57
N MET B 148 -31.46 -6.93 0.53
CA MET B 148 -31.50 -8.19 1.26
C MET B 148 -31.20 -7.97 2.74
N LYS B 149 -31.38 -9.05 3.52
CA LYS B 149 -31.13 -9.04 4.95
C LYS B 149 -30.81 -10.46 5.40
N ARG B 150 -30.06 -10.57 6.49
CA ARG B 150 -29.68 -11.86 7.05
C ARG B 150 -29.80 -11.83 8.56
N ASP B 151 -30.65 -12.72 9.09
CA ASP B 151 -30.84 -12.78 10.54
C ASP B 151 -29.60 -13.35 11.20
N LEU B 152 -29.03 -12.61 12.13
CA LEU B 152 -27.85 -13.03 12.87
C LEU B 152 -28.18 -13.54 14.27
N THR B 153 -29.46 -13.82 14.54
CA THR B 153 -29.83 -14.34 15.85
C THR B 153 -29.37 -15.79 16.01
N GLN B 154 -29.46 -16.58 14.94
CA GLN B 154 -28.99 -17.96 14.99
C GLN B 154 -27.49 -18.02 15.23
N MET B 155 -26.72 -17.25 14.44
CA MET B 155 -25.26 -17.28 14.58
C MET B 155 -24.82 -16.83 15.97
N ALA B 156 -25.50 -15.82 16.54
CA ALA B 156 -25.13 -15.32 17.87
C ALA B 156 -25.43 -16.35 18.95
N ASP B 157 -26.56 -17.06 18.82
CA ASP B 157 -26.87 -18.11 19.78
C ASP B 157 -25.92 -19.29 19.63
N GLU B 158 -25.51 -19.59 18.39
CA GLU B 158 -24.52 -20.62 18.14
C GLU B 158 -23.18 -20.33 18.81
N LEU B 159 -22.93 -19.07 19.18
CA LEU B 159 -21.70 -18.69 19.86
C LEU B 159 -21.89 -18.46 21.36
N ARG B 160 -23.08 -18.04 21.80
CA ARG B 160 -23.35 -17.91 23.22
C ARG B 160 -23.05 -19.21 23.97
N ARG B 161 -23.08 -20.35 23.27
CA ARG B 161 -22.61 -21.61 23.82
C ARG B 161 -21.08 -21.61 23.89
N LYS C 35 -29.81 5.26 -5.22
CA LYS C 35 -29.60 5.98 -3.96
C LYS C 35 -28.23 5.64 -3.36
N HIS C 36 -27.34 5.12 -4.19
CA HIS C 36 -25.98 4.82 -3.79
C HIS C 36 -25.24 6.10 -3.42
N ASP C 37 -24.96 6.28 -2.12
CA ASP C 37 -24.42 7.56 -1.64
C ASP C 37 -22.95 7.74 -2.02
N SER C 38 -22.23 6.64 -2.26
CA SER C 38 -20.79 6.62 -2.51
C SER C 38 -19.96 7.05 -1.30
N GLY C 39 -20.59 7.13 -0.12
CA GLY C 39 -19.90 7.50 1.10
C GLY C 39 -19.68 8.98 1.30
N ALA C 40 -20.14 9.83 0.37
CA ALA C 40 -20.01 11.27 0.54
C ALA C 40 -20.69 11.73 1.82
N ALA C 41 -21.95 11.32 2.03
CA ALA C 41 -22.67 11.71 3.22
C ALA C 41 -22.02 11.14 4.48
N ASP C 42 -21.49 9.93 4.39
CA ASP C 42 -20.84 9.30 5.54
C ASP C 42 -19.60 10.07 5.96
N LEU C 43 -18.74 10.41 4.99
CA LEU C 43 -17.49 11.10 5.29
C LEU C 43 -17.70 12.47 5.94
N GLU C 44 -18.94 12.95 5.98
CA GLU C 44 -19.27 14.17 6.69
C GLU C 44 -19.49 13.95 8.18
N ARG C 45 -19.78 12.71 8.60
CA ARG C 45 -19.89 12.42 10.02
C ARG C 45 -18.56 12.53 10.74
N VAL C 46 -17.45 12.52 9.99
CA VAL C 46 -16.13 12.61 10.60
C VAL C 46 -15.88 14.01 11.13
N THR C 47 -16.11 15.03 10.31
CA THR C 47 -15.85 16.41 10.68
C THR C 47 -16.99 17.04 11.47
N ASP C 48 -18.07 16.31 11.72
CA ASP C 48 -19.23 16.91 12.37
C ASP C 48 -18.90 17.36 13.78
N TYR C 49 -19.65 18.34 14.27
CA TYR C 49 -19.43 18.88 15.60
C TYR C 49 -19.66 17.81 16.65
N ALA C 50 -18.88 17.89 17.73
CA ALA C 50 -19.00 16.97 18.85
C ALA C 50 -18.54 17.68 20.12
N GLU C 51 -18.91 17.10 21.26
CA GLU C 51 -18.55 17.64 22.55
C GLU C 51 -17.28 16.97 23.07
N GLU C 52 -16.42 17.77 23.72
CA GLU C 52 -15.23 17.22 24.37
C GLU C 52 -15.63 16.51 25.66
N LYS C 53 -15.52 15.19 25.67
CA LYS C 53 -15.90 14.42 26.84
C LYS C 53 -14.96 14.70 27.99
N GLU C 54 -15.50 14.62 29.21
CA GLU C 54 -14.73 14.86 30.43
C GLU C 54 -14.64 13.57 31.24
N ILE C 55 -14.11 13.68 32.46
CA ILE C 55 -13.63 12.53 33.20
C ILE C 55 -13.85 12.78 34.69
N GLN C 56 -14.08 11.69 35.44
CA GLN C 56 -14.18 11.78 36.89
C GLN C 56 -12.84 12.19 37.50
N SER C 57 -12.89 13.13 38.44
CA SER C 57 -11.69 13.62 39.12
C SER C 57 -11.32 12.66 40.24
N SER C 58 -10.25 11.89 40.05
CA SER C 58 -9.79 10.91 41.04
C SER C 58 -8.28 10.91 41.08
N ASN C 59 -7.71 11.45 42.17
CA ASN C 59 -6.28 11.31 42.47
C ASN C 59 -5.39 11.68 41.29
N LEU C 60 -5.77 12.75 40.59
CA LEU C 60 -5.08 13.10 39.35
C LEU C 60 -3.83 13.93 39.60
N GLU C 61 -3.87 14.86 40.56
CA GLU C 61 -2.70 15.69 40.83
C GLU C 61 -1.51 14.85 41.30
N THR C 62 -1.76 13.65 41.85
CA THR C 62 -0.67 12.71 42.10
C THR C 62 0.04 12.36 40.81
N ALA C 63 -0.72 11.94 39.78
CA ALA C 63 -0.12 11.55 38.52
C ALA C 63 0.37 12.77 37.73
N MET C 64 -0.41 13.86 37.74
CA MET C 64 -0.04 15.05 36.98
C MET C 64 1.28 15.65 37.44
N SER C 65 1.69 15.40 38.69
CA SER C 65 3.00 15.81 39.14
C SER C 65 4.10 14.89 38.63
N VAL C 66 3.78 13.61 38.39
CA VAL C 66 4.77 12.67 37.89
C VAL C 66 5.16 13.00 36.45
N ILE C 67 4.27 13.66 35.71
CA ILE C 67 4.60 14.04 34.34
C ILE C 67 5.70 15.08 34.32
N GLY C 68 5.54 16.15 35.11
CA GLY C 68 6.56 17.17 35.22
C GLY C 68 7.92 16.64 35.65
N ASP C 69 7.96 15.46 36.26
CA ASP C 69 9.23 14.81 36.55
C ASP C 69 9.84 14.22 35.29
N ARG C 70 9.03 13.51 34.49
CA ARG C 70 9.49 12.95 33.23
C ARG C 70 9.62 14.02 32.15
N ARG C 71 8.80 15.07 32.21
CA ARG C 71 8.94 16.17 31.27
C ARG C 71 10.22 16.96 31.53
N SER C 72 10.54 17.22 32.80
CA SER C 72 11.74 17.97 33.14
C SER C 72 13.00 17.21 32.75
N ARG C 73 13.09 15.93 33.14
CA ARG C 73 14.22 15.09 32.76
C ARG C 73 14.30 14.86 31.25
N GLU C 74 13.19 15.06 30.53
CA GLU C 74 13.25 15.16 29.08
C GLU C 74 13.87 16.49 28.66
N GLN C 75 13.40 17.59 29.26
CA GLN C 75 13.92 18.92 28.92
C GLN C 75 15.38 19.06 29.34
N LYS C 76 15.75 18.47 30.48
CA LYS C 76 17.15 18.50 30.91
C LYS C 76 18.03 17.72 29.93
N ALA C 77 17.70 16.44 29.69
CA ALA C 77 18.49 15.61 28.78
C ALA C 77 18.59 16.23 27.40
N LYS C 78 17.49 16.81 26.90
CA LYS C 78 17.53 17.45 25.58
C LYS C 78 18.32 18.75 25.60
N GLN C 79 18.36 19.43 26.75
CA GLN C 79 19.13 20.67 26.85
C GLN C 79 20.63 20.40 26.80
N GLU C 80 21.08 19.31 27.43
CA GLU C 80 22.50 18.98 27.46
C GLU C 80 22.98 18.35 26.16
N ARG C 81 22.11 17.71 25.40
CA ARG C 81 22.51 17.19 24.09
C ARG C 81 22.96 18.33 23.17
N GLU C 82 22.15 19.38 23.07
CA GLU C 82 22.51 20.53 22.24
C GLU C 82 23.60 21.38 22.87
N LYS C 83 23.79 21.29 24.19
CA LYS C 83 24.91 21.99 24.82
C LYS C 83 26.25 21.45 24.33
N GLU C 84 26.35 20.13 24.16
CA GLU C 84 27.57 19.55 23.61
C GLU C 84 27.72 19.87 22.13
N LEU C 85 26.60 19.88 21.40
CA LEU C 85 26.67 20.15 19.96
C LEU C 85 27.06 21.59 19.68
N ALA C 86 26.60 22.52 20.52
CA ALA C 86 26.87 23.95 20.26
C ALA C 86 28.36 24.26 20.36
N LYS C 87 29.06 23.64 21.32
CA LYS C 87 30.48 23.93 21.54
C LYS C 87 31.36 23.08 20.62
N VAL C 88 31.16 23.28 19.31
CA VAL C 88 31.92 22.60 18.28
C VAL C 88 32.33 23.62 17.22
N THR C 89 33.54 23.45 16.69
CA THR C 89 34.00 24.29 15.58
C THR C 89 33.13 24.07 14.35
N ILE C 90 32.84 25.16 13.63
CA ILE C 90 32.00 25.07 12.44
C ILE C 90 32.62 25.89 11.31
N LYS C 91 33.58 25.28 10.61
CA LYS C 91 34.21 25.92 9.45
C LYS C 91 33.19 26.04 8.32
N LYS C 92 32.95 27.28 7.86
CA LYS C 92 31.82 27.52 6.96
C LYS C 92 32.03 26.87 5.60
N GLU C 93 33.25 26.93 5.05
CA GLU C 93 33.50 26.33 3.74
C GLU C 93 33.19 24.85 3.71
N ASP C 94 33.24 24.18 4.87
CA ASP C 94 32.81 22.79 4.96
C ASP C 94 31.31 22.65 4.71
N LEU C 95 30.52 23.60 5.23
CA LEU C 95 29.07 23.57 5.05
C LEU C 95 28.68 23.65 3.59
N GLU C 96 29.13 24.72 2.90
CA GLU C 96 28.77 24.91 1.49
C GLU C 96 29.21 23.73 0.63
N LEU C 97 30.21 22.96 1.07
CA LEU C 97 30.63 21.79 0.32
C LEU C 97 29.71 20.60 0.56
N ILE C 98 29.37 20.33 1.83
CA ILE C 98 28.49 19.21 2.15
C ILE C 98 27.10 19.41 1.54
N MET C 99 26.51 20.59 1.77
CA MET C 99 25.18 20.85 1.23
C MET C 99 25.14 20.76 -0.29
N THR C 100 26.27 20.94 -0.97
CA THR C 100 26.28 20.85 -2.42
C THR C 100 26.66 19.46 -2.91
N GLU C 101 27.58 18.78 -2.21
CA GLU C 101 28.00 17.46 -2.65
C GLU C 101 27.02 16.37 -2.23
N MET C 102 26.32 16.57 -1.11
CA MET C 102 25.31 15.63 -0.65
C MET C 102 23.88 16.08 -0.96
N GLU C 103 23.72 17.31 -1.45
CA GLU C 103 22.41 17.88 -1.78
C GLU C 103 21.47 17.91 -0.58
N ILE C 104 22.02 17.91 0.63
CA ILE C 104 21.20 18.05 1.82
C ILE C 104 21.12 19.53 2.20
N SER C 105 20.37 19.84 3.25
CA SER C 105 20.15 21.21 3.65
C SER C 105 21.19 21.66 4.68
N ARG C 106 21.19 22.97 4.96
CA ARG C 106 22.15 23.54 5.89
C ARG C 106 21.98 22.98 7.30
N ALA C 107 20.72 22.85 7.75
CA ALA C 107 20.48 22.30 9.09
C ALA C 107 20.98 20.86 9.19
N ALA C 108 20.69 20.04 8.18
CA ALA C 108 21.19 18.67 8.16
C ALA C 108 22.70 18.64 8.08
N ALA C 109 23.29 19.49 7.23
CA ALA C 109 24.75 19.55 7.10
C ALA C 109 25.40 20.00 8.40
N GLU C 110 24.79 20.96 9.09
CA GLU C 110 25.29 21.38 10.40
C GLU C 110 25.15 20.26 11.42
N ARG C 111 24.08 19.46 11.32
CA ARG C 111 23.91 18.35 12.24
C ARG C 111 25.01 17.31 12.07
N SER C 112 25.30 16.93 10.81
CA SER C 112 26.32 15.91 10.58
C SER C 112 27.69 16.36 11.05
N LEU C 113 28.02 17.65 10.85
CA LEU C 113 29.35 18.14 11.20
C LEU C 113 29.56 18.15 12.72
N ARG C 114 28.59 18.67 13.46
CA ARG C 114 28.70 18.69 14.92
C ARG C 114 28.74 17.28 15.50
N GLU C 115 27.94 16.38 14.93
CA GLU C 115 27.98 14.98 15.36
C GLU C 115 29.37 14.39 15.20
N HIS C 116 30.09 14.79 14.16
CA HIS C 116 31.43 14.31 13.88
C HIS C 116 32.51 15.26 14.37
N MET C 117 32.17 16.15 15.29
CA MET C 117 33.14 17.04 15.95
C MET C 117 33.91 17.90 14.94
N GLY C 118 33.30 18.22 13.82
CA GLY C 118 33.89 19.13 12.86
C GLY C 118 34.84 18.51 11.86
N ASN C 119 34.74 17.22 11.60
CA ASN C 119 35.53 16.57 10.58
C ASN C 119 34.65 16.37 9.35
N VAL C 120 35.04 17.00 8.24
CA VAL C 120 34.20 16.95 7.04
C VAL C 120 34.23 15.56 6.43
N VAL C 121 35.42 14.97 6.26
CA VAL C 121 35.54 13.61 5.74
C VAL C 121 34.74 12.65 6.61
N GLU C 122 35.08 12.58 7.90
CA GLU C 122 34.39 11.71 8.84
C GLU C 122 32.89 11.94 8.85
N ALA C 123 32.41 13.09 8.35
CA ALA C 123 31.00 13.38 8.15
C ALA C 123 30.56 13.10 6.71
N LEU C 124 31.27 13.65 5.73
CA LEU C 124 30.93 13.40 4.33
C LEU C 124 30.93 11.91 4.01
N ILE C 125 31.72 11.13 4.74
CA ILE C 125 31.70 9.67 4.55
C ILE C 125 30.43 9.02 5.08
N ALA C 126 30.02 9.38 6.30
CA ALA C 126 28.81 8.81 6.88
C ALA C 126 27.56 9.18 6.10
N LEU C 127 27.54 10.38 5.50
CA LEU C 127 26.41 10.77 4.67
C LEU C 127 26.30 9.92 3.41
N THR C 128 27.42 9.46 2.89
CA THR C 128 27.43 8.59 1.74
C THR C 128 26.76 7.26 2.07
N ASN C 129 26.96 6.80 3.31
CA ASN C 129 26.48 5.49 3.71
C ASN C 129 24.96 5.39 3.59
#